data_1YIY
#
_entry.id   1YIY
#
_cell.length_a   55.358
_cell.length_b   95.316
_cell.length_c   167.674
_cell.angle_alpha   90.00
_cell.angle_beta   90.00
_cell.angle_gamma   90.00
#
_symmetry.space_group_name_H-M   'P 21 21 21'
#
loop_
_entity.id
_entity.type
_entity.pdbx_description
1 polymer 'kynurenine aminotransferase; glutamine transaminase K'
2 non-polymer 'BROMIDE ION'
3 non-polymer "4'-DEOXY-4'-AMINOPYRIDOXAL-5'-PHOSPHATE"
4 water water
#
_entity_poly.entity_id   1
_entity_poly.type   'polypeptide(L)'
_entity_poly.pdbx_seq_one_letter_code
;MSSTSNETMHNKFDLPKRYQGSTKSVWVEYIQLAAQYKPLNLGQGFPDYHAPKYALNALAAAANSPDPLANQYTRGFGHP
RLVQALSKLYSQLVDRTINPMTEVLVTVGAYEALYATIQGHVDEGDEVIIIEPFFDCYEPMVKAAGGIPRFIPLKPNKTG
GTISSADWVLDNNELEALFNEKTKMIIINTPHNPLGKVMDRAELEVVANLCKKWNVLCVSDEVYEHMVFEPFEHIRICTL
PGMWERTITIGSAGKTFSLTGWKIGWAYGPEALLKNLQMVHQNCVYTCATPIQEAIAVGFETELKRLKSPECYFNSISGE
LMAKRDYMASFLAEVGMNPTVPQGGYFMVADWSSLDSKVDLTQETDARKDYRFTKWMTKSVGLQGIPPSAFYSEPNKHLG
EDFVRYCFFKKDENLQKAAEILRKWKGSS
;
_entity_poly.pdbx_strand_id   A,B
#
loop_
_chem_comp.id
_chem_comp.type
_chem_comp.name
_chem_comp.formula
BR non-polymer 'BROMIDE ION' 'Br -1'
PMP non-polymer 4'-DEOXY-4'-AMINOPYRIDOXAL-5'-PHOSPHATE 'C8 H13 N2 O5 P'
#
# COMPACT_ATOMS: atom_id res chain seq x y z
N LYS A 12 -19.83 19.56 6.77
CA LYS A 12 -18.77 18.64 6.27
C LYS A 12 -17.73 19.39 5.45
N PHE A 13 -16.65 18.69 5.09
CA PHE A 13 -15.58 19.29 4.31
C PHE A 13 -16.05 19.50 2.87
N ASP A 14 -15.43 18.78 1.93
CA ASP A 14 -15.78 18.88 0.53
C ASP A 14 -14.87 17.98 -0.30
N LEU A 15 -14.05 18.59 -1.15
CA LEU A 15 -13.11 17.86 -1.99
C LEU A 15 -11.75 17.76 -1.30
N PRO A 16 -11.11 16.58 -1.37
CA PRO A 16 -9.81 16.42 -0.72
C PRO A 16 -8.84 17.54 -1.12
N LYS A 17 -8.98 18.00 -2.36
CA LYS A 17 -8.16 19.07 -2.92
C LYS A 17 -8.29 19.01 -4.43
N ARG A 18 -9.53 19.06 -4.89
CA ARG A 18 -9.85 19.00 -6.32
C ARG A 18 -9.64 17.56 -6.80
N TYR A 19 -10.23 16.62 -6.07
CA TYR A 19 -10.13 15.20 -6.38
C TYR A 19 -11.39 14.74 -7.10
N GLN A 20 -11.44 13.44 -7.41
CA GLN A 20 -12.58 12.85 -8.11
C GLN A 20 -13.57 12.25 -7.12
N GLY A 21 -13.09 11.95 -5.91
CA GLY A 21 -13.95 11.37 -4.89
C GLY A 21 -14.77 10.24 -5.50
N SER A 22 -14.08 9.19 -5.93
CA SER A 22 -14.74 8.05 -6.55
C SER A 22 -15.52 7.20 -5.55
N THR A 23 -16.39 7.84 -4.78
CA THR A 23 -17.19 7.11 -3.80
C THR A 23 -18.11 6.18 -4.58
N LYS A 24 -18.36 6.38 -5.86
CA LYS A 24 -19.03 5.58 -6.85
C LYS A 24 -18.31 4.27 -7.17
N SER A 25 -17.54 3.77 -6.23
CA SER A 25 -16.96 2.44 -6.14
C SER A 25 -18.12 1.45 -6.00
N VAL A 26 -18.41 0.78 -7.10
CA VAL A 26 -19.48 -0.19 -7.16
C VAL A 26 -19.40 -1.21 -6.03
N TRP A 27 -18.17 -1.54 -5.64
CA TRP A 27 -17.97 -2.64 -4.69
C TRP A 27 -18.67 -2.38 -3.37
N VAL A 28 -18.52 -1.18 -2.80
CA VAL A 28 -19.09 -0.98 -1.46
C VAL A 28 -20.59 -1.16 -1.49
N GLU A 29 -21.19 -0.58 -2.51
CA GLU A 29 -22.61 -0.65 -2.81
C GLU A 29 -23.09 -2.08 -2.92
N TYR A 30 -22.38 -2.89 -3.68
CA TYR A 30 -22.83 -4.27 -3.91
C TYR A 30 -22.51 -5.19 -2.76
N ILE A 31 -21.46 -4.93 -2.01
CA ILE A 31 -21.18 -5.68 -0.78
C ILE A 31 -22.28 -5.51 0.25
N GLN A 32 -22.74 -4.29 0.45
CA GLN A 32 -23.87 -3.94 1.29
C GLN A 32 -25.15 -4.64 0.85
N LEU A 33 -25.41 -4.66 -0.46
CA LEU A 33 -26.56 -5.34 -1.03
C LEU A 33 -26.52 -6.82 -0.71
N ALA A 34 -25.35 -7.44 -0.88
CA ALA A 34 -25.24 -8.88 -0.67
C ALA A 34 -25.42 -9.22 0.81
N ALA A 35 -24.86 -8.38 1.68
CA ALA A 35 -25.04 -8.57 3.13
C ALA A 35 -26.50 -8.52 3.52
N GLN A 36 -27.26 -7.61 2.91
CA GLN A 36 -28.66 -7.38 3.26
C GLN A 36 -29.60 -8.46 2.72
N TYR A 37 -29.33 -8.98 1.54
CA TYR A 37 -30.21 -9.95 0.91
C TYR A 37 -29.66 -11.36 0.84
N LYS A 38 -28.41 -11.56 1.21
CA LYS A 38 -27.72 -12.84 1.17
C LYS A 38 -28.07 -13.67 -0.05
N PRO A 39 -27.74 -13.18 -1.24
CA PRO A 39 -28.04 -13.97 -2.44
C PRO A 39 -26.94 -14.97 -2.77
N LEU A 40 -27.25 -15.86 -3.72
CA LEU A 40 -26.13 -16.57 -4.34
C LEU A 40 -25.21 -15.53 -4.98
N ASN A 41 -24.01 -15.35 -4.42
CA ASN A 41 -23.18 -14.24 -4.87
C ASN A 41 -22.22 -14.62 -5.98
N LEU A 42 -22.54 -14.22 -7.21
CA LEU A 42 -21.66 -14.36 -8.36
C LEU A 42 -20.92 -13.05 -8.64
N GLY A 43 -20.79 -12.22 -7.61
CA GLY A 43 -20.17 -10.92 -7.79
C GLY A 43 -18.96 -10.61 -6.95
N GLN A 44 -18.30 -11.58 -6.31
CA GLN A 44 -17.21 -11.29 -5.41
C GLN A 44 -15.92 -10.86 -6.09
N GLY A 45 -15.49 -11.60 -7.10
CA GLY A 45 -14.23 -11.42 -7.78
C GLY A 45 -13.11 -12.29 -7.24
N PHE A 46 -13.44 -13.33 -6.48
CA PHE A 46 -12.44 -14.23 -5.89
C PHE A 46 -13.08 -15.60 -5.67
N PRO A 47 -12.28 -16.64 -5.45
CA PRO A 47 -12.84 -17.98 -5.26
C PRO A 47 -13.59 -18.07 -3.93
N ASP A 48 -14.67 -18.85 -3.91
CA ASP A 48 -15.37 -19.06 -2.64
C ASP A 48 -14.91 -20.38 -2.00
N TYR A 49 -13.75 -20.90 -2.39
CA TYR A 49 -13.13 -22.04 -1.72
C TYR A 49 -11.63 -21.80 -1.59
N HIS A 50 -10.88 -22.76 -1.08
CA HIS A 50 -9.49 -22.58 -0.72
C HIS A 50 -8.48 -22.61 -1.86
N ALA A 51 -7.46 -21.77 -1.72
CA ALA A 51 -6.30 -21.64 -2.59
C ALA A 51 -5.33 -22.81 -2.39
N PRO A 52 -4.32 -23.01 -3.24
CA PRO A 52 -3.40 -24.14 -3.07
C PRO A 52 -2.82 -24.22 -1.66
N LYS A 53 -2.88 -25.42 -1.09
CA LYS A 53 -2.45 -25.62 0.28
C LYS A 53 -0.99 -25.26 0.49
N TYR A 54 -0.13 -25.42 -0.50
CA TYR A 54 1.30 -25.13 -0.30
C TYR A 54 1.48 -23.65 0.00
N ALA A 55 0.69 -22.81 -0.67
CA ALA A 55 0.78 -21.37 -0.45
C ALA A 55 0.37 -20.98 0.97
N LEU A 56 -0.81 -21.42 1.38
CA LEU A 56 -1.30 -21.21 2.75
C LEU A 56 -0.32 -21.73 3.78
N ASN A 57 0.23 -22.93 3.57
CA ASN A 57 1.17 -23.44 4.57
C ASN A 57 2.42 -22.57 4.64
N ALA A 58 2.79 -21.97 3.51
CA ALA A 58 3.96 -21.11 3.43
C ALA A 58 3.80 -19.89 4.32
N LEU A 59 2.58 -19.36 4.38
CA LEU A 59 2.33 -18.17 5.20
C LEU A 59 2.39 -18.54 6.68
N ALA A 60 1.76 -19.65 7.03
CA ALA A 60 1.84 -20.14 8.40
C ALA A 60 3.30 -20.38 8.79
N ALA A 61 4.10 -20.96 7.89
CA ALA A 61 5.49 -21.24 8.21
C ALA A 61 6.28 -19.95 8.37
N ALA A 62 5.91 -18.91 7.63
CA ALA A 62 6.58 -17.61 7.80
C ALA A 62 6.22 -16.99 9.14
N ALA A 63 4.94 -17.15 9.52
CA ALA A 63 4.51 -16.60 10.80
C ALA A 63 5.25 -17.27 11.95
N ASN A 64 5.44 -18.58 11.80
CA ASN A 64 6.04 -19.35 12.87
C ASN A 64 7.53 -19.51 12.61
N SER A 65 8.08 -18.66 11.74
CA SER A 65 9.49 -18.81 11.41
C SER A 65 10.39 -18.69 12.64
N PRO A 66 11.49 -19.44 12.68
CA PRO A 66 12.47 -19.33 13.75
C PRO A 66 13.35 -18.09 13.56
N ASP A 67 13.25 -17.47 12.40
CA ASP A 67 14.04 -16.25 12.15
C ASP A 67 13.24 -15.05 12.61
N PRO A 68 13.73 -14.30 13.59
CA PRO A 68 12.96 -13.17 14.13
C PRO A 68 12.74 -12.10 13.06
N LEU A 69 13.65 -12.04 12.09
CA LEU A 69 13.57 -11.08 11.01
C LEU A 69 12.54 -11.46 9.95
N ALA A 70 11.92 -12.63 10.09
CA ALA A 70 10.93 -13.10 9.12
C ALA A 70 9.65 -12.26 9.14
N ASN A 71 9.45 -11.55 10.24
CA ASN A 71 8.30 -10.67 10.40
C ASN A 71 8.69 -9.22 10.70
N GLN A 72 9.91 -8.82 10.32
CA GLN A 72 10.35 -7.44 10.43
C GLN A 72 10.57 -6.86 9.03
N TYR A 73 10.80 -5.55 8.92
CA TYR A 73 10.95 -4.83 7.67
C TYR A 73 11.82 -5.58 6.67
N THR A 74 11.34 -5.70 5.43
CA THR A 74 12.22 -6.26 4.40
C THR A 74 12.57 -5.17 3.38
N ARG A 75 13.46 -5.47 2.47
CA ARG A 75 14.16 -4.61 1.53
C ARG A 75 13.45 -3.29 1.28
N GLY A 76 12.50 -3.20 0.36
CA GLY A 76 11.82 -1.92 0.10
C GLY A 76 11.16 -2.01 -1.28
N PHE A 77 12.03 -2.21 -2.27
CA PHE A 77 11.66 -2.42 -3.65
C PHE A 77 11.20 -3.85 -3.86
N GLY A 78 11.33 -4.67 -2.80
CA GLY A 78 10.96 -6.06 -2.92
C GLY A 78 11.77 -7.02 -2.10
N HIS A 79 11.07 -7.92 -1.40
CA HIS A 79 11.76 -8.99 -0.66
C HIS A 79 12.72 -9.74 -1.56
N PRO A 80 13.98 -9.85 -1.21
CA PRO A 80 14.97 -10.50 -2.09
C PRO A 80 14.55 -11.88 -2.57
N ARG A 81 14.09 -12.73 -1.67
CA ARG A 81 13.66 -14.05 -2.11
C ARG A 81 12.57 -13.96 -3.16
N LEU A 82 11.69 -12.96 -3.03
CA LEU A 82 10.59 -12.84 -3.98
C LEU A 82 11.08 -12.31 -5.32
N VAL A 83 11.87 -11.24 -5.28
CA VAL A 83 12.21 -10.60 -6.57
C VAL A 83 13.09 -11.54 -7.39
N GLN A 84 13.89 -12.34 -6.68
CA GLN A 84 14.73 -13.34 -7.34
C GLN A 84 13.84 -14.35 -8.08
N ALA A 85 12.86 -14.90 -7.38
CA ALA A 85 11.94 -15.87 -7.98
C ALA A 85 11.16 -15.27 -9.15
N LEU A 86 10.70 -14.03 -9.03
CA LEU A 86 9.95 -13.40 -10.11
C LEU A 86 10.84 -13.20 -11.34
N SER A 87 12.07 -12.74 -11.12
CA SER A 87 13.02 -12.61 -12.21
C SER A 87 13.24 -13.97 -12.88
N LYS A 88 13.37 -15.03 -12.09
CA LYS A 88 13.56 -16.35 -12.70
C LYS A 88 12.40 -16.77 -13.59
N LEU A 89 11.18 -16.50 -13.15
CA LEU A 89 10.01 -16.89 -13.91
C LEU A 89 9.86 -16.04 -15.17
N TYR A 90 9.79 -14.72 -14.99
CA TYR A 90 9.52 -13.88 -16.15
C TYR A 90 10.70 -13.80 -17.12
N SER A 91 11.90 -14.07 -16.64
CA SER A 91 13.05 -14.11 -17.52
C SER A 91 12.87 -15.15 -18.62
N GLN A 92 12.25 -16.27 -18.26
CA GLN A 92 12.02 -17.31 -19.26
C GLN A 92 10.81 -16.98 -20.13
N LEU A 93 9.83 -16.31 -19.52
CA LEU A 93 8.59 -15.99 -20.22
C LEU A 93 8.78 -14.91 -21.27
N VAL A 94 9.74 -14.01 -21.11
CA VAL A 94 9.92 -12.96 -22.11
C VAL A 94 11.27 -13.11 -22.81
N ASP A 95 11.95 -14.20 -22.47
CA ASP A 95 13.23 -14.57 -23.08
C ASP A 95 14.22 -13.41 -23.03
N ARG A 96 14.40 -12.91 -21.81
CA ARG A 96 15.26 -11.79 -21.48
C ARG A 96 15.70 -11.89 -20.03
N THR A 97 16.97 -11.68 -19.74
CA THR A 97 17.32 -11.73 -18.31
C THR A 97 16.90 -10.45 -17.61
N ILE A 98 15.87 -10.57 -16.76
CA ILE A 98 15.39 -9.41 -16.02
C ILE A 98 16.14 -9.21 -14.71
N ASN A 99 16.72 -8.03 -14.52
CA ASN A 99 17.44 -7.70 -13.29
C ASN A 99 16.52 -7.63 -12.07
N PRO A 100 16.68 -8.56 -11.15
CA PRO A 100 15.72 -8.72 -10.06
C PRO A 100 15.74 -7.51 -9.12
N MET A 101 16.87 -6.82 -9.05
CA MET A 101 17.02 -5.64 -8.20
C MET A 101 16.60 -4.34 -8.86
N THR A 102 16.81 -4.17 -10.15
CA THR A 102 16.48 -2.89 -10.79
C THR A 102 15.35 -2.96 -11.79
N GLU A 103 14.92 -4.16 -12.20
CA GLU A 103 13.88 -4.24 -13.24
C GLU A 103 12.63 -4.96 -12.76
N VAL A 104 12.47 -5.01 -11.45
CA VAL A 104 11.35 -5.64 -10.76
C VAL A 104 11.05 -4.80 -9.52
N LEU A 105 9.77 -4.59 -9.21
CA LEU A 105 9.34 -3.84 -8.04
C LEU A 105 8.10 -4.48 -7.44
N VAL A 106 8.14 -4.92 -6.18
CA VAL A 106 6.96 -5.50 -5.56
C VAL A 106 6.17 -4.33 -4.97
N THR A 107 4.86 -4.46 -5.07
CA THR A 107 3.96 -3.37 -4.67
C THR A 107 2.77 -3.98 -3.96
N VAL A 108 1.98 -3.16 -3.26
CA VAL A 108 0.81 -3.72 -2.61
C VAL A 108 -0.26 -4.05 -3.66
N GLY A 109 -0.22 -5.29 -4.13
CA GLY A 109 -1.07 -5.76 -5.21
C GLY A 109 -0.66 -5.13 -6.54
N ALA A 110 -1.25 -5.61 -7.61
CA ALA A 110 -1.21 -4.99 -8.92
C ALA A 110 -1.79 -3.58 -8.85
N TYR A 111 -2.68 -3.38 -7.88
CA TYR A 111 -3.30 -2.08 -7.69
C TYR A 111 -2.28 -1.00 -7.40
N GLU A 112 -1.37 -1.23 -6.45
CA GLU A 112 -0.39 -0.21 -6.12
C GLU A 112 0.64 -0.08 -7.24
N ALA A 113 0.86 -1.17 -7.96
CA ALA A 113 1.74 -1.15 -9.12
C ALA A 113 1.18 -0.19 -10.16
N LEU A 114 -0.13 -0.25 -10.40
CA LEU A 114 -0.82 0.63 -11.33
C LEU A 114 -0.64 2.07 -10.87
N TYR A 115 -0.96 2.29 -9.59
CA TYR A 115 -0.80 3.61 -9.00
C TYR A 115 0.59 4.19 -9.15
N ALA A 116 1.63 3.41 -8.88
CA ALA A 116 3.00 3.90 -8.97
C ALA A 116 3.40 4.18 -10.42
N THR A 117 2.87 3.39 -11.35
CA THR A 117 3.23 3.60 -12.76
C THR A 117 2.52 4.83 -13.33
N ILE A 118 1.30 5.10 -12.87
CA ILE A 118 0.57 6.24 -13.45
C ILE A 118 0.95 7.53 -12.73
N GLN A 119 1.21 7.40 -11.43
CA GLN A 119 1.67 8.51 -10.61
C GLN A 119 3.10 8.87 -11.01
N GLY A 120 3.88 7.88 -11.44
CA GLY A 120 5.27 8.13 -11.78
C GLY A 120 5.50 8.51 -13.22
N HIS A 121 4.50 8.33 -14.10
CA HIS A 121 4.74 8.59 -15.51
C HIS A 121 3.68 9.48 -16.16
N VAL A 122 2.75 9.98 -15.36
CA VAL A 122 1.70 10.84 -15.91
C VAL A 122 1.72 12.18 -15.22
N ASP A 123 1.84 13.24 -16.02
CA ASP A 123 1.91 14.58 -15.43
C ASP A 123 0.72 15.41 -15.90
N GLU A 124 0.58 16.56 -15.31
CA GLU A 124 -0.49 17.53 -15.26
C GLU A 124 -1.34 17.60 -16.51
N GLY A 125 -0.82 17.45 -17.73
CA GLY A 125 -1.72 17.48 -18.89
C GLY A 125 -1.51 16.33 -19.84
N ASP A 126 -0.86 15.27 -19.37
CA ASP A 126 -0.63 14.10 -20.21
C ASP A 126 -1.92 13.37 -20.55
N GLU A 127 -2.03 12.96 -21.81
CA GLU A 127 -3.14 12.13 -22.27
C GLU A 127 -2.83 10.66 -22.04
N VAL A 128 -3.79 9.94 -21.51
CA VAL A 128 -3.71 8.50 -21.31
C VAL A 128 -4.91 7.82 -21.95
N ILE A 129 -4.69 6.98 -22.97
CA ILE A 129 -5.90 6.35 -23.52
C ILE A 129 -6.20 5.09 -22.72
N ILE A 130 -7.51 4.91 -22.52
CA ILE A 130 -8.05 3.84 -21.70
C ILE A 130 -9.08 3.08 -22.54
N ILE A 131 -8.97 1.77 -22.52
CA ILE A 131 -9.93 0.96 -23.28
C ILE A 131 -11.09 0.57 -22.39
N GLU A 132 -12.30 0.81 -22.88
CA GLU A 132 -13.50 0.42 -22.16
C GLU A 132 -13.99 -0.96 -22.58
N PRO A 133 -14.65 -1.74 -21.73
CA PRO A 133 -14.83 -1.46 -20.29
C PRO A 133 -13.51 -1.57 -19.55
N PHE A 134 -13.26 -0.68 -18.60
CA PHE A 134 -11.97 -0.67 -17.93
C PHE A 134 -12.06 -1.11 -16.47
N PHE A 135 -10.98 -1.71 -16.01
CA PHE A 135 -10.81 -1.98 -14.59
C PHE A 135 -10.96 -0.67 -13.82
N ASP A 136 -11.74 -0.73 -12.76
CA ASP A 136 -12.17 0.35 -11.89
C ASP A 136 -11.18 1.51 -11.74
N CYS A 137 -9.97 1.24 -11.29
CA CYS A 137 -9.08 2.32 -10.87
C CYS A 137 -8.42 3.06 -12.02
N TYR A 138 -8.51 2.62 -13.27
CA TYR A 138 -7.75 3.29 -14.34
C TYR A 138 -8.05 4.78 -14.43
N GLU A 139 -9.31 5.17 -14.58
CA GLU A 139 -9.61 6.60 -14.72
C GLU A 139 -9.34 7.44 -13.50
N PRO A 140 -9.74 7.07 -12.28
CA PRO A 140 -9.44 7.94 -11.14
C PRO A 140 -7.95 8.13 -10.94
N MET A 141 -7.16 7.09 -11.19
CA MET A 141 -5.71 7.22 -10.99
C MET A 141 -5.13 8.21 -11.99
N VAL A 142 -5.50 8.02 -13.26
CA VAL A 142 -5.11 9.00 -14.26
C VAL A 142 -5.51 10.43 -13.87
N LYS A 143 -6.77 10.60 -13.47
CA LYS A 143 -7.24 11.94 -13.11
C LYS A 143 -6.50 12.48 -11.88
N ALA A 144 -6.15 11.60 -10.94
CA ALA A 144 -5.45 12.10 -9.75
C ALA A 144 -4.01 12.48 -10.11
N ALA A 145 -3.47 11.90 -11.18
CA ALA A 145 -2.14 12.27 -11.63
C ALA A 145 -2.17 13.56 -12.43
N GLY A 146 -3.37 14.10 -12.64
CA GLY A 146 -3.50 15.31 -13.45
C GLY A 146 -3.60 14.97 -14.93
N GLY A 147 -3.69 13.69 -15.29
CA GLY A 147 -3.73 13.33 -16.69
C GLY A 147 -5.10 13.49 -17.32
N ILE A 148 -5.13 13.42 -18.66
CA ILE A 148 -6.42 13.51 -19.36
C ILE A 148 -6.75 12.18 -20.01
N PRO A 149 -7.74 11.49 -19.46
CA PRO A 149 -8.10 10.18 -19.98
C PRO A 149 -8.73 10.28 -21.36
N ARG A 150 -8.44 9.30 -22.21
CA ARG A 150 -9.07 9.23 -23.53
C ARG A 150 -9.57 7.81 -23.77
N PHE A 151 -10.91 7.72 -23.84
CA PHE A 151 -11.57 6.43 -23.86
C PHE A 151 -11.95 5.91 -25.23
N ILE A 152 -11.80 4.60 -25.40
CA ILE A 152 -12.21 3.84 -26.55
C ILE A 152 -12.87 2.55 -26.05
N PRO A 153 -14.07 2.27 -26.49
CA PRO A 153 -14.72 1.01 -26.10
C PRO A 153 -14.42 -0.18 -27.00
N LEU A 154 -14.30 -1.32 -26.35
CA LEU A 154 -14.39 -2.62 -27.02
C LEU A 154 -15.85 -2.89 -27.33
N LYS A 155 -16.18 -3.29 -28.55
CA LYS A 155 -17.58 -3.51 -28.92
C LYS A 155 -17.77 -4.81 -29.69
N PRO A 156 -18.82 -5.55 -29.33
CA PRO A 156 -19.01 -6.88 -29.91
C PRO A 156 -19.55 -6.86 -31.33
N ASN A 157 -19.25 -7.93 -32.07
CA ASN A 157 -19.82 -8.22 -33.37
C ASN A 157 -21.04 -9.13 -33.20
N LYS A 158 -22.24 -8.55 -33.36
CA LYS A 158 -23.44 -9.36 -33.21
C LYS A 158 -23.89 -9.90 -34.57
N THR A 159 -23.36 -11.08 -34.88
CA THR A 159 -23.68 -11.85 -36.08
C THR A 159 -22.88 -13.16 -36.08
N GLY A 160 -23.54 -14.26 -36.45
CA GLY A 160 -22.91 -15.56 -36.43
C GLY A 160 -23.62 -16.50 -35.48
N GLY A 161 -24.12 -15.97 -34.35
CA GLY A 161 -24.85 -16.75 -33.38
C GLY A 161 -24.16 -16.75 -32.01
N THR A 162 -23.25 -17.71 -31.83
CA THR A 162 -22.45 -17.80 -30.62
C THR A 162 -21.60 -16.55 -30.46
N ILE A 163 -21.22 -16.20 -29.23
CA ILE A 163 -20.33 -15.05 -29.09
C ILE A 163 -19.19 -15.30 -28.10
N SER A 164 -18.01 -14.88 -28.54
CA SER A 164 -16.73 -15.01 -27.86
C SER A 164 -16.19 -13.63 -27.50
N SER A 165 -15.34 -13.58 -26.48
CA SER A 165 -14.67 -12.33 -26.13
C SER A 165 -13.78 -11.88 -27.29
N ALA A 166 -13.40 -12.78 -28.19
CA ALA A 166 -12.65 -12.43 -29.38
C ALA A 166 -13.48 -11.50 -30.27
N ASP A 167 -14.81 -11.59 -30.19
CA ASP A 167 -15.70 -10.78 -31.05
C ASP A 167 -15.86 -9.35 -30.53
N TRP A 168 -15.40 -9.10 -29.32
CA TRP A 168 -15.37 -7.74 -28.79
C TRP A 168 -14.14 -7.05 -29.35
N VAL A 169 -14.31 -6.02 -30.20
CA VAL A 169 -13.13 -5.40 -30.80
C VAL A 169 -13.17 -3.89 -30.73
N LEU A 170 -12.02 -3.26 -30.98
CA LEU A 170 -11.85 -1.83 -31.04
C LEU A 170 -12.04 -1.31 -32.46
N ASP A 171 -12.39 -0.05 -32.66
CA ASP A 171 -12.34 0.51 -34.02
C ASP A 171 -10.93 1.01 -34.30
N ASN A 172 -10.24 0.40 -35.27
CA ASN A 172 -8.84 0.74 -35.50
C ASN A 172 -8.64 2.19 -35.96
N ASN A 173 -9.57 2.67 -36.78
CA ASN A 173 -9.51 4.04 -37.25
C ASN A 173 -9.70 5.01 -36.09
N GLU A 174 -10.63 4.68 -35.19
CA GLU A 174 -10.85 5.51 -34.00
C GLU A 174 -9.62 5.46 -33.10
N LEU A 175 -9.12 4.24 -32.88
CA LEU A 175 -7.93 4.05 -32.06
C LEU A 175 -6.74 4.88 -32.55
N GLU A 176 -6.42 4.80 -33.84
CA GLU A 176 -5.30 5.57 -34.38
C GLU A 176 -5.54 7.06 -34.26
N ALA A 177 -6.80 7.47 -34.34
CA ALA A 177 -7.11 8.90 -34.30
C ALA A 177 -6.99 9.48 -32.90
N LEU A 178 -6.98 8.57 -31.92
CA LEU A 178 -6.92 8.95 -30.52
C LEU A 178 -5.48 9.28 -30.12
N PHE A 179 -4.55 8.68 -30.85
CA PHE A 179 -3.12 8.85 -30.64
C PHE A 179 -2.58 10.11 -31.31
N ASN A 180 -1.84 10.89 -30.55
CA ASN A 180 -1.12 12.03 -31.11
C ASN A 180 0.11 12.29 -30.24
N GLU A 181 0.79 13.41 -30.47
CA GLU A 181 2.02 13.67 -29.72
C GLU A 181 1.75 13.86 -28.24
N LYS A 182 0.56 14.30 -27.85
CA LYS A 182 0.21 14.47 -26.44
C LYS A 182 -0.05 13.15 -25.70
N THR A 183 -0.18 12.03 -26.37
CA THR A 183 -0.41 10.72 -25.76
C THR A 183 0.84 10.29 -25.00
N LYS A 184 0.71 10.12 -23.69
CA LYS A 184 1.87 9.76 -22.86
C LYS A 184 1.91 8.26 -22.64
N MET A 185 0.69 7.73 -22.50
CA MET A 185 0.53 6.37 -22.02
C MET A 185 -0.72 5.73 -22.58
N ILE A 186 -0.65 4.41 -22.73
CA ILE A 186 -1.83 3.63 -23.05
C ILE A 186 -1.84 2.43 -22.09
N ILE A 187 -3.03 2.19 -21.54
CA ILE A 187 -3.19 1.12 -20.57
C ILE A 187 -3.99 -0.02 -21.19
N ILE A 188 -3.30 -1.14 -21.30
CA ILE A 188 -3.91 -2.34 -21.88
C ILE A 188 -4.08 -3.40 -20.79
N ASN A 189 -5.16 -4.17 -20.92
CA ASN A 189 -5.49 -5.19 -19.93
C ASN A 189 -5.70 -6.50 -20.66
N THR A 190 -4.74 -7.41 -20.59
CA THR A 190 -4.84 -8.71 -21.25
C THR A 190 -4.38 -9.85 -20.35
N PRO A 191 -5.16 -10.88 -20.05
CA PRO A 191 -6.58 -11.01 -20.39
C PRO A 191 -7.47 -9.95 -19.76
N HIS A 192 -8.53 -9.57 -20.47
CA HIS A 192 -9.33 -8.41 -20.13
C HIS A 192 -10.37 -8.66 -19.03
N ASN A 193 -10.48 -7.71 -18.12
CA ASN A 193 -11.49 -7.67 -17.08
C ASN A 193 -12.57 -6.64 -17.42
N PRO A 194 -13.82 -7.01 -17.57
CA PRO A 194 -14.35 -8.34 -17.34
C PRO A 194 -14.69 -9.15 -18.60
N LEU A 195 -14.26 -8.72 -19.78
CA LEU A 195 -14.69 -9.49 -20.94
C LEU A 195 -14.05 -10.86 -21.04
N GLY A 196 -12.79 -10.93 -20.62
CA GLY A 196 -12.00 -12.14 -20.70
C GLY A 196 -11.31 -12.23 -22.05
N LYS A 197 -11.37 -11.10 -22.76
CA LYS A 197 -10.69 -11.01 -24.05
C LYS A 197 -9.19 -11.18 -23.90
N VAL A 198 -8.62 -12.03 -24.77
CA VAL A 198 -7.18 -12.22 -24.88
C VAL A 198 -6.70 -11.65 -26.21
N MET A 199 -5.91 -10.58 -26.15
CA MET A 199 -5.45 -9.93 -27.36
C MET A 199 -4.58 -10.85 -28.21
N ASP A 200 -4.94 -11.02 -29.49
CA ASP A 200 -4.11 -11.85 -30.37
C ASP A 200 -2.89 -11.03 -30.82
N ARG A 201 -1.95 -11.65 -31.52
CA ARG A 201 -0.75 -10.94 -31.98
C ARG A 201 -1.11 -9.72 -32.82
N ALA A 202 -2.07 -9.84 -33.73
CA ALA A 202 -2.47 -8.70 -34.55
C ALA A 202 -2.93 -7.52 -33.71
N GLU A 203 -3.75 -7.80 -32.69
CA GLU A 203 -4.28 -6.73 -31.84
C GLU A 203 -3.15 -6.10 -31.04
N LEU A 204 -2.25 -6.97 -30.57
CA LEU A 204 -1.05 -6.51 -29.89
C LEU A 204 -0.21 -5.64 -30.82
N GLU A 205 -0.12 -6.05 -32.09
CA GLU A 205 0.69 -5.29 -33.04
C GLU A 205 0.08 -3.93 -33.36
N VAL A 206 -1.26 -3.86 -33.37
CA VAL A 206 -1.87 -2.55 -33.62
C VAL A 206 -1.49 -1.54 -32.54
N VAL A 207 -1.59 -1.96 -31.28
CA VAL A 207 -1.21 -1.05 -30.19
C VAL A 207 0.29 -0.77 -30.20
N ALA A 208 1.08 -1.84 -30.42
CA ALA A 208 2.54 -1.65 -30.38
C ALA A 208 2.98 -0.64 -31.43
N ASN A 209 2.48 -0.79 -32.66
CA ASN A 209 2.92 0.15 -33.71
C ASN A 209 2.57 1.59 -33.36
N LEU A 210 1.41 1.78 -32.72
CA LEU A 210 0.97 3.11 -32.34
C LEU A 210 1.91 3.68 -31.28
N CYS A 211 2.29 2.83 -30.32
CA CYS A 211 3.15 3.30 -29.25
C CYS A 211 4.52 3.69 -29.78
N LYS A 212 4.98 2.92 -30.78
CA LYS A 212 6.26 3.23 -31.41
C LYS A 212 6.19 4.51 -32.24
N LYS A 213 5.10 4.65 -32.98
CA LYS A 213 4.91 5.82 -33.84
C LYS A 213 4.82 7.11 -33.03
N TRP A 214 4.15 7.06 -31.87
CA TRP A 214 3.98 8.31 -31.14
C TRP A 214 4.82 8.42 -29.88
N ASN A 215 5.71 7.47 -29.67
CA ASN A 215 6.54 7.41 -28.47
C ASN A 215 5.72 7.38 -27.20
N VAL A 216 4.90 6.34 -27.04
CA VAL A 216 4.09 6.35 -25.80
C VAL A 216 4.43 5.14 -24.94
N LEU A 217 4.25 5.28 -23.63
CA LEU A 217 4.51 4.18 -22.69
C LEU A 217 3.33 3.23 -22.67
N CYS A 218 3.58 1.94 -22.85
CA CYS A 218 2.52 0.94 -22.82
C CYS A 218 2.49 0.26 -21.46
N VAL A 219 1.36 0.34 -20.77
CA VAL A 219 1.25 -0.28 -19.45
C VAL A 219 0.36 -1.51 -19.61
N SER A 220 0.96 -2.68 -19.44
CA SER A 220 0.25 -3.93 -19.67
C SER A 220 -0.20 -4.59 -18.37
N ASP A 221 -1.50 -4.54 -18.11
CA ASP A 221 -2.08 -5.17 -16.93
C ASP A 221 -2.34 -6.64 -17.22
N GLU A 222 -1.42 -7.48 -16.79
CA GLU A 222 -1.48 -8.91 -17.16
C GLU A 222 -1.75 -9.79 -15.95
N VAL A 223 -2.58 -9.30 -15.03
CA VAL A 223 -2.88 -10.04 -13.81
C VAL A 223 -3.49 -11.40 -14.09
N TYR A 224 -4.25 -11.54 -15.19
CA TYR A 224 -4.84 -12.85 -15.47
C TYR A 224 -4.01 -13.65 -16.47
N GLU A 225 -2.70 -13.40 -16.47
CA GLU A 225 -1.85 -14.02 -17.48
C GLU A 225 -1.89 -15.55 -17.51
N HIS A 226 -2.13 -16.22 -16.38
CA HIS A 226 -2.08 -17.69 -16.36
C HIS A 226 -3.44 -18.34 -16.56
N MET A 227 -4.47 -17.54 -16.84
CA MET A 227 -5.79 -18.16 -16.92
C MET A 227 -6.37 -18.16 -18.33
N VAL A 228 -5.56 -18.27 -19.37
CA VAL A 228 -6.21 -18.29 -20.70
C VAL A 228 -6.60 -19.73 -21.01
N PHE A 229 -7.79 -19.87 -21.60
CA PHE A 229 -8.33 -21.19 -21.91
C PHE A 229 -7.74 -21.75 -23.20
N GLU A 230 -7.42 -23.03 -23.11
CA GLU A 230 -6.55 -23.80 -23.94
C GLU A 230 -6.49 -23.27 -25.38
N PRO A 231 -7.57 -23.16 -26.11
CA PRO A 231 -7.50 -22.77 -27.52
C PRO A 231 -6.55 -21.58 -27.75
N PHE A 232 -6.61 -20.56 -26.90
CA PHE A 232 -5.84 -19.34 -27.07
C PHE A 232 -4.55 -19.33 -26.25
N GLU A 233 -3.79 -18.25 -26.40
CA GLU A 233 -2.50 -18.15 -25.70
C GLU A 233 -2.25 -16.73 -25.23
N HIS A 234 -1.67 -16.59 -24.03
CA HIS A 234 -1.33 -15.26 -23.55
C HIS A 234 -0.03 -14.83 -24.22
N ILE A 235 -0.01 -13.64 -24.81
CA ILE A 235 1.19 -13.10 -25.45
C ILE A 235 1.47 -11.72 -24.86
N ARG A 236 2.71 -11.51 -24.43
CA ARG A 236 2.97 -10.23 -23.74
C ARG A 236 3.62 -9.25 -24.71
N ILE A 237 3.05 -8.05 -24.72
CA ILE A 237 3.47 -6.99 -25.61
C ILE A 237 4.92 -6.56 -25.39
N CYS A 238 5.44 -6.74 -24.18
CA CYS A 238 6.82 -6.34 -23.92
C CYS A 238 7.83 -7.17 -24.72
N THR A 239 7.37 -8.23 -25.36
CA THR A 239 8.15 -9.11 -26.21
C THR A 239 8.16 -8.72 -27.67
N LEU A 240 7.29 -7.80 -28.09
CA LEU A 240 7.23 -7.39 -29.50
C LEU A 240 8.38 -6.44 -29.85
N PRO A 241 8.82 -6.39 -31.10
CA PRO A 241 9.95 -5.52 -31.49
C PRO A 241 9.83 -4.09 -30.99
N GLY A 242 10.83 -3.65 -30.24
CA GLY A 242 10.88 -2.26 -29.76
C GLY A 242 10.00 -1.94 -28.59
N MET A 243 9.39 -2.96 -27.98
CA MET A 243 8.44 -2.71 -26.90
C MET A 243 9.06 -2.82 -25.51
N TRP A 244 10.14 -3.57 -25.32
CA TRP A 244 10.64 -3.76 -23.96
C TRP A 244 11.01 -2.42 -23.32
N GLU A 245 11.66 -1.61 -24.13
CA GLU A 245 12.15 -0.30 -23.73
C GLU A 245 11.00 0.68 -23.48
N ARG A 246 9.77 0.34 -23.89
CA ARG A 246 8.65 1.24 -23.68
C ARG A 246 7.44 0.54 -23.06
N THR A 247 7.70 -0.54 -22.33
CA THR A 247 6.60 -1.25 -21.69
C THR A 247 6.83 -1.47 -20.20
N ILE A 248 5.72 -1.37 -19.48
CA ILE A 248 5.74 -1.73 -18.06
C ILE A 248 4.63 -2.77 -17.89
N THR A 249 5.00 -3.98 -17.45
CA THR A 249 3.88 -4.93 -17.29
C THR A 249 3.76 -5.31 -15.81
N ILE A 250 2.52 -5.56 -15.44
CA ILE A 250 2.08 -5.77 -14.07
C ILE A 250 1.42 -7.11 -13.88
N GLY A 251 1.58 -7.71 -12.69
CA GLY A 251 0.99 -9.00 -12.32
C GLY A 251 0.61 -8.99 -10.85
N SER A 252 -0.14 -9.98 -10.38
CA SER A 252 -0.53 -10.07 -8.97
C SER A 252 -0.40 -11.49 -8.41
N ALA A 253 0.14 -11.56 -7.20
CA ALA A 253 0.16 -12.85 -6.50
C ALA A 253 -1.24 -13.29 -6.15
N GLY A 254 -2.08 -12.31 -5.82
CA GLY A 254 -3.49 -12.56 -5.57
C GLY A 254 -4.15 -13.31 -6.70
N LYS A 255 -3.91 -12.91 -7.94
CA LYS A 255 -4.47 -13.60 -9.10
C LYS A 255 -3.71 -14.87 -9.46
N THR A 256 -2.38 -14.84 -9.29
CA THR A 256 -1.54 -15.97 -9.64
C THR A 256 -1.81 -17.16 -8.74
N PHE A 257 -1.98 -16.90 -7.44
CA PHE A 257 -2.17 -18.03 -6.52
C PHE A 257 -3.57 -18.10 -5.91
N SER A 258 -4.51 -17.30 -6.40
CA SER A 258 -5.88 -17.24 -5.93
C SER A 258 -5.98 -16.85 -4.46
N LEU A 259 -5.14 -15.92 -4.03
CA LEU A 259 -5.04 -15.43 -2.66
C LEU A 259 -5.19 -13.93 -2.68
N THR A 260 -6.41 -13.54 -2.99
CA THR A 260 -6.69 -12.14 -3.29
C THR A 260 -6.55 -11.27 -2.07
N GLY A 261 -6.63 -11.85 -0.87
CA GLY A 261 -6.47 -11.07 0.34
C GLY A 261 -5.00 -10.89 0.71
N TRP A 262 -4.07 -11.35 -0.12
CA TRP A 262 -2.65 -11.20 0.20
C TRP A 262 -2.07 -9.91 -0.34
N LYS A 263 -2.70 -9.32 -1.33
CA LYS A 263 -2.39 -8.00 -1.86
C LYS A 263 -0.91 -7.76 -2.08
N ILE A 264 -0.33 -8.56 -2.96
CA ILE A 264 1.06 -8.39 -3.36
C ILE A 264 1.12 -8.52 -4.88
N GLY A 265 1.70 -7.52 -5.55
CA GLY A 265 1.79 -7.57 -7.01
C GLY A 265 3.15 -7.07 -7.43
N TRP A 266 3.35 -6.87 -8.73
CA TRP A 266 4.65 -6.39 -9.18
C TRP A 266 4.57 -5.76 -10.56
N ALA A 267 5.53 -4.88 -10.84
CA ALA A 267 5.75 -4.35 -12.17
C ALA A 267 7.14 -4.78 -12.63
N TYR A 268 7.32 -5.14 -13.90
CA TYR A 268 8.66 -5.38 -14.43
C TYR A 268 8.85 -4.65 -15.76
N GLY A 269 10.08 -4.22 -15.99
CA GLY A 269 10.43 -3.48 -17.18
C GLY A 269 11.84 -2.92 -17.07
N PRO A 270 12.26 -2.17 -18.06
CA PRO A 270 13.58 -1.54 -18.02
C PRO A 270 13.78 -0.67 -16.78
N GLU A 271 15.00 -0.68 -16.25
CA GLU A 271 15.27 0.12 -15.07
C GLU A 271 14.93 1.60 -15.30
N ALA A 272 15.06 2.09 -16.52
CA ALA A 272 14.80 3.50 -16.80
C ALA A 272 13.36 3.88 -16.51
N LEU A 273 12.42 3.01 -16.84
CA LEU A 273 11.01 3.21 -16.56
C LEU A 273 10.67 2.91 -15.11
N LEU A 274 11.33 1.90 -14.53
CA LEU A 274 10.97 1.47 -13.19
C LEU A 274 11.41 2.51 -12.17
N LYS A 275 12.43 3.28 -12.53
CA LYS A 275 12.92 4.32 -11.64
C LYS A 275 11.78 5.20 -11.12
N ASN A 276 10.88 5.58 -12.01
CA ASN A 276 9.79 6.49 -11.65
C ASN A 276 8.85 5.83 -10.64
N LEU A 277 8.54 4.56 -10.88
CA LEU A 277 7.68 3.83 -9.96
C LEU A 277 8.32 3.76 -8.59
N GLN A 278 9.64 3.56 -8.59
CA GLN A 278 10.37 3.53 -7.32
C GLN A 278 10.24 4.79 -6.50
N MET A 279 10.30 5.96 -7.12
CA MET A 279 10.22 7.21 -6.38
C MET A 279 8.86 7.38 -5.74
N VAL A 280 7.80 6.98 -6.43
CA VAL A 280 6.43 6.98 -5.91
C VAL A 280 6.27 5.97 -4.77
N HIS A 281 6.65 4.72 -5.00
CA HIS A 281 6.53 3.64 -4.03
C HIS A 281 7.22 3.96 -2.71
N GLN A 282 8.46 4.45 -2.80
CA GLN A 282 9.27 4.71 -1.62
C GLN A 282 8.65 5.77 -0.71
N ASN A 283 7.82 6.66 -1.24
CA ASN A 283 7.20 7.67 -0.39
C ASN A 283 5.69 7.55 -0.43
N CYS A 284 5.22 6.33 -0.68
CA CYS A 284 3.81 5.98 -0.59
C CYS A 284 3.60 4.94 0.50
N VAL A 285 4.17 3.74 0.34
CA VAL A 285 4.10 2.75 1.41
C VAL A 285 5.51 2.31 1.85
N TYR A 286 6.49 2.63 1.03
CA TYR A 286 7.90 2.32 1.25
C TYR A 286 8.23 0.84 1.16
N THR A 287 7.51 -0.04 1.84
CA THR A 287 7.82 -1.48 1.73
C THR A 287 6.55 -2.30 1.91
N CYS A 288 6.59 -3.57 1.53
CA CYS A 288 5.42 -4.44 1.61
C CYS A 288 5.61 -5.54 2.64
N ALA A 289 4.54 -6.22 3.02
CA ALA A 289 4.57 -7.22 4.07
C ALA A 289 5.65 -8.27 3.82
N THR A 290 6.43 -8.56 4.87
CA THR A 290 7.50 -9.54 4.70
C THR A 290 7.04 -11.00 4.77
N PRO A 291 6.20 -11.40 5.71
CA PRO A 291 5.81 -12.83 5.72
C PRO A 291 5.02 -13.24 4.48
N ILE A 292 4.24 -12.32 3.91
CA ILE A 292 3.48 -12.67 2.71
C ILE A 292 4.39 -12.82 1.49
N GLN A 293 5.34 -11.90 1.36
CA GLN A 293 6.28 -11.97 0.25
C GLN A 293 7.15 -13.23 0.37
N GLU A 294 7.43 -13.62 1.61
CA GLU A 294 8.19 -14.86 1.75
C GLU A 294 7.32 -16.05 1.31
N ALA A 295 6.04 -16.03 1.67
CA ALA A 295 5.16 -17.15 1.32
C ALA A 295 5.00 -17.24 -0.19
N ILE A 296 4.85 -16.09 -0.83
CA ILE A 296 4.72 -16.04 -2.28
C ILE A 296 6.02 -16.48 -2.93
N ALA A 297 7.16 -16.13 -2.34
CA ALA A 297 8.41 -16.54 -2.97
C ALA A 297 8.52 -18.06 -3.01
N VAL A 298 8.17 -18.71 -1.88
CA VAL A 298 8.21 -20.17 -1.87
C VAL A 298 7.20 -20.75 -2.85
N GLY A 299 6.08 -20.09 -3.04
CA GLY A 299 5.09 -20.50 -4.02
C GLY A 299 5.65 -20.48 -5.44
N PHE A 300 6.37 -19.43 -5.80
CA PHE A 300 7.02 -19.38 -7.11
C PHE A 300 8.13 -20.43 -7.23
N GLU A 301 8.94 -20.55 -6.18
CA GLU A 301 10.02 -21.53 -6.20
C GLU A 301 9.43 -22.91 -6.44
N THR A 302 8.27 -23.16 -5.83
CA THR A 302 7.63 -24.47 -5.95
C THR A 302 7.23 -24.73 -7.39
N GLU A 303 6.55 -23.74 -7.97
CA GLU A 303 6.05 -23.89 -9.33
C GLU A 303 7.20 -23.93 -10.34
N LEU A 304 8.26 -23.21 -10.01
CA LEU A 304 9.43 -23.09 -10.87
C LEU A 304 10.01 -24.46 -11.19
N LYS A 305 9.97 -25.34 -10.21
CA LYS A 305 10.48 -26.70 -10.32
C LYS A 305 9.59 -27.63 -11.14
N ARG A 306 8.41 -27.19 -11.53
CA ARG A 306 7.50 -28.04 -12.30
C ARG A 306 6.73 -27.26 -13.36
N LEU A 307 7.33 -26.19 -13.86
CA LEU A 307 6.72 -25.27 -14.79
C LEU A 307 6.16 -25.92 -16.04
N LYS A 308 6.70 -27.04 -16.47
CA LYS A 308 6.24 -27.69 -17.69
C LYS A 308 5.34 -28.88 -17.38
N SER A 309 4.97 -29.03 -16.12
CA SER A 309 4.11 -30.11 -15.67
C SER A 309 2.66 -29.65 -15.60
N PRO A 310 1.74 -30.55 -15.93
CA PRO A 310 0.31 -30.25 -15.89
C PRO A 310 -0.17 -29.96 -14.46
N GLU A 311 0.53 -30.41 -13.42
CA GLU A 311 0.11 -30.06 -12.05
C GLU A 311 0.58 -28.69 -11.62
N CYS A 312 1.39 -28.01 -12.44
CA CYS A 312 1.77 -26.64 -12.11
C CYS A 312 0.54 -25.75 -12.03
N TYR A 313 0.33 -25.03 -10.94
CA TYR A 313 -0.87 -24.21 -10.80
C TYR A 313 -1.04 -23.21 -11.93
N PHE A 314 0.05 -22.77 -12.53
CA PHE A 314 0.03 -21.85 -13.67
C PHE A 314 -0.56 -22.53 -14.90
N ASN A 315 -0.46 -23.86 -14.90
CA ASN A 315 -0.98 -24.63 -16.01
C ASN A 315 -2.38 -25.19 -15.73
N SER A 316 -2.65 -25.52 -14.47
CA SER A 316 -3.88 -26.20 -14.10
C SER A 316 -5.07 -25.28 -13.85
N ILE A 317 -4.85 -24.02 -13.48
CA ILE A 317 -5.95 -23.12 -13.17
C ILE A 317 -6.95 -23.05 -14.32
N SER A 318 -6.45 -22.95 -15.55
CA SER A 318 -7.35 -22.79 -16.70
C SER A 318 -8.27 -23.98 -16.89
N GLY A 319 -7.74 -25.19 -16.76
CA GLY A 319 -8.56 -26.39 -16.88
C GLY A 319 -9.66 -26.40 -15.84
N GLU A 320 -9.32 -25.97 -14.63
CA GLU A 320 -10.21 -25.92 -13.49
C GLU A 320 -11.40 -24.99 -13.73
N LEU A 321 -11.11 -23.81 -14.24
CA LEU A 321 -12.07 -22.76 -14.52
C LEU A 321 -12.86 -23.01 -15.80
N MET A 322 -12.27 -23.71 -16.77
CA MET A 322 -12.91 -23.88 -18.07
C MET A 322 -14.22 -24.66 -17.93
N ALA A 323 -14.21 -25.68 -17.08
CA ALA A 323 -15.45 -26.41 -16.82
C ALA A 323 -16.54 -25.49 -16.25
N LYS A 324 -16.14 -24.65 -15.32
CA LYS A 324 -17.03 -23.70 -14.66
C LYS A 324 -17.56 -22.64 -15.62
N ARG A 325 -16.67 -22.16 -16.48
CA ARG A 325 -17.05 -21.24 -17.56
C ARG A 325 -18.08 -21.84 -18.50
N ASP A 326 -17.87 -23.05 -19.02
CA ASP A 326 -18.86 -23.66 -19.91
C ASP A 326 -20.20 -23.92 -19.23
N TYR A 327 -20.18 -24.18 -17.94
CA TYR A 327 -21.38 -24.43 -17.17
C TYR A 327 -22.21 -23.17 -17.01
N MET A 328 -21.55 -22.09 -16.64
CA MET A 328 -22.22 -20.80 -16.49
C MET A 328 -22.70 -20.31 -17.85
N ALA A 329 -21.85 -20.47 -18.87
CA ALA A 329 -22.31 -20.02 -20.19
C ALA A 329 -23.58 -20.73 -20.61
N SER A 330 -23.60 -22.02 -20.30
CA SER A 330 -24.76 -22.83 -20.65
C SER A 330 -26.02 -22.42 -19.90
N PHE A 331 -25.94 -22.19 -18.58
CA PHE A 331 -27.21 -21.92 -17.89
C PHE A 331 -27.65 -20.49 -18.19
N LEU A 332 -26.72 -19.63 -18.60
CA LEU A 332 -27.08 -18.23 -18.87
C LEU A 332 -27.86 -18.17 -20.17
N ALA A 333 -27.33 -18.83 -21.19
CA ALA A 333 -27.99 -18.98 -22.47
C ALA A 333 -29.37 -19.62 -22.29
N GLU A 334 -29.47 -20.52 -21.33
CA GLU A 334 -30.71 -21.19 -20.95
C GLU A 334 -31.83 -20.24 -20.58
N VAL A 335 -31.51 -19.35 -19.63
CA VAL A 335 -32.47 -18.41 -19.12
C VAL A 335 -32.86 -17.39 -20.17
N GLY A 336 -32.05 -17.27 -21.23
CA GLY A 336 -32.43 -16.32 -22.27
C GLY A 336 -31.42 -15.21 -22.45
N MET A 337 -30.32 -15.25 -21.70
CA MET A 337 -29.26 -14.26 -21.85
C MET A 337 -28.34 -14.69 -23.00
N ASN A 338 -27.51 -13.80 -23.54
CA ASN A 338 -26.53 -14.16 -24.56
C ASN A 338 -25.13 -13.93 -23.96
N PRO A 339 -24.50 -14.99 -23.47
CA PRO A 339 -23.24 -14.82 -22.75
C PRO A 339 -22.08 -14.64 -23.72
N THR A 340 -21.14 -13.79 -23.31
CA THR A 340 -19.90 -13.68 -24.06
C THR A 340 -18.92 -14.69 -23.48
N VAL A 341 -18.55 -15.71 -24.24
CA VAL A 341 -17.61 -16.70 -23.67
C VAL A 341 -16.21 -16.14 -23.59
N PRO A 342 -15.64 -15.98 -22.39
CA PRO A 342 -14.28 -15.42 -22.27
C PRO A 342 -13.20 -16.39 -22.72
N GLN A 343 -12.11 -15.84 -23.25
CA GLN A 343 -10.94 -16.56 -23.71
C GLN A 343 -9.95 -16.77 -22.57
N GLY A 344 -10.15 -15.98 -21.51
CA GLY A 344 -9.34 -16.08 -20.31
C GLY A 344 -10.02 -15.45 -19.11
N GLY A 345 -9.50 -15.74 -17.91
CA GLY A 345 -10.05 -15.18 -16.68
C GLY A 345 -11.24 -15.95 -16.15
N TYR A 346 -11.87 -15.38 -15.11
CA TYR A 346 -12.97 -16.05 -14.46
C TYR A 346 -14.20 -15.15 -14.36
N PHE A 347 -14.28 -14.17 -15.23
CA PHE A 347 -15.48 -13.33 -15.33
C PHE A 347 -16.21 -13.61 -16.62
N MET A 348 -17.53 -13.47 -16.55
CA MET A 348 -18.31 -13.62 -17.78
C MET A 348 -19.29 -12.46 -17.87
N VAL A 349 -19.35 -11.86 -19.06
CA VAL A 349 -20.33 -10.83 -19.34
C VAL A 349 -21.45 -11.41 -20.20
N ALA A 350 -22.70 -11.10 -19.86
CA ALA A 350 -23.82 -11.62 -20.64
C ALA A 350 -24.85 -10.50 -20.88
N ASP A 351 -25.44 -10.52 -22.06
CA ASP A 351 -26.46 -9.55 -22.46
C ASP A 351 -27.83 -10.01 -22.01
N TRP A 352 -28.45 -9.28 -21.09
CA TRP A 352 -29.78 -9.70 -20.62
C TRP A 352 -30.89 -9.06 -21.47
N SER A 353 -31.81 -9.87 -22.00
CA SER A 353 -32.95 -9.42 -22.80
C SER A 353 -34.26 -9.93 -22.17
N SER A 354 -34.14 -10.16 -20.88
CA SER A 354 -35.27 -10.47 -20.00
C SER A 354 -36.06 -9.20 -19.76
N LEU A 355 -36.99 -9.19 -18.81
CA LEU A 355 -37.81 -7.99 -18.60
C LEU A 355 -36.96 -6.78 -18.28
N ASP A 356 -36.78 -5.92 -19.28
CA ASP A 356 -36.05 -4.67 -19.15
C ASP A 356 -36.68 -3.79 -18.07
N SER A 357 -36.70 -2.49 -18.31
CA SER A 357 -37.16 -1.52 -17.32
C SER A 357 -38.69 -1.47 -17.24
N LYS A 358 -39.29 -2.64 -17.18
CA LYS A 358 -40.70 -2.94 -17.14
C LYS A 358 -41.20 -3.01 -15.70
N VAL A 359 -42.31 -3.70 -15.48
CA VAL A 359 -42.89 -3.84 -14.14
C VAL A 359 -41.83 -4.26 -13.13
N ASP A 360 -40.84 -5.04 -13.59
CA ASP A 360 -39.88 -5.50 -12.60
C ASP A 360 -38.84 -4.43 -12.28
N LEU A 361 -38.48 -3.56 -13.21
CA LEU A 361 -37.43 -2.59 -12.85
C LEU A 361 -38.02 -1.27 -12.36
N THR A 362 -37.31 -0.60 -11.48
CA THR A 362 -37.73 0.63 -10.81
C THR A 362 -36.84 0.89 -9.60
N GLN A 363 -35.66 1.46 -9.90
CA GLN A 363 -34.67 1.66 -8.84
C GLN A 363 -34.02 3.03 -8.99
N GLU A 364 -32.74 3.03 -9.36
CA GLU A 364 -32.01 4.18 -9.84
C GLU A 364 -32.32 4.39 -11.33
N THR A 365 -33.62 4.48 -11.57
CA THR A 365 -34.19 4.52 -12.91
C THR A 365 -33.44 5.55 -13.76
N ASP A 366 -33.13 6.67 -13.14
CA ASP A 366 -32.41 7.76 -13.76
C ASP A 366 -31.06 7.26 -14.26
N ALA A 367 -30.42 6.57 -13.32
CA ALA A 367 -29.15 5.92 -13.48
C ALA A 367 -29.19 4.92 -14.63
N ARG A 368 -28.53 3.77 -14.46
CA ARG A 368 -28.40 2.88 -15.61
C ARG A 368 -29.11 1.56 -15.37
N LYS A 369 -29.62 0.96 -16.43
CA LYS A 369 -30.44 -0.23 -16.37
C LYS A 369 -29.70 -1.46 -15.84
N ASP A 370 -28.40 -1.53 -16.04
CA ASP A 370 -27.69 -2.71 -15.55
C ASP A 370 -27.58 -2.68 -14.04
N TYR A 371 -27.56 -1.48 -13.47
CA TYR A 371 -27.62 -1.37 -12.02
C TYR A 371 -28.98 -1.84 -11.53
N ARG A 372 -30.00 -1.38 -12.24
CA ARG A 372 -31.39 -1.67 -11.88
C ARG A 372 -31.66 -3.17 -11.91
N PHE A 373 -31.20 -3.81 -12.99
CA PHE A 373 -31.42 -5.22 -13.16
C PHE A 373 -30.65 -6.04 -12.13
N THR A 374 -29.38 -5.66 -11.98
CA THR A 374 -28.58 -6.45 -11.05
C THR A 374 -29.10 -6.35 -9.62
N LYS A 375 -29.57 -5.17 -9.22
CA LYS A 375 -30.14 -5.08 -7.87
C LYS A 375 -31.48 -5.77 -7.80
N TRP A 376 -32.26 -5.71 -8.87
CA TRP A 376 -33.53 -6.41 -8.84
C TRP A 376 -33.29 -7.92 -8.74
N MET A 377 -32.31 -8.46 -9.47
CA MET A 377 -32.25 -9.93 -9.42
C MET A 377 -31.76 -10.40 -8.04
N THR A 378 -30.95 -9.54 -7.43
CA THR A 378 -30.46 -9.89 -6.08
C THR A 378 -31.63 -9.96 -5.11
N LYS A 379 -32.47 -8.94 -5.12
CA LYS A 379 -33.62 -8.81 -4.25
C LYS A 379 -34.75 -9.80 -4.55
N SER A 380 -35.01 -10.07 -5.83
CA SER A 380 -36.16 -10.86 -6.25
C SER A 380 -35.85 -12.32 -6.53
N VAL A 381 -34.68 -12.62 -7.06
CA VAL A 381 -34.28 -13.95 -7.45
C VAL A 381 -33.22 -14.54 -6.52
N GLY A 382 -32.46 -13.70 -5.82
CA GLY A 382 -31.44 -14.22 -4.91
C GLY A 382 -30.15 -14.52 -5.65
N LEU A 383 -29.93 -13.85 -6.78
CA LEU A 383 -28.74 -14.05 -7.59
C LEU A 383 -28.03 -12.72 -7.84
N GLN A 384 -26.75 -12.62 -7.45
CA GLN A 384 -26.05 -11.35 -7.56
C GLN A 384 -24.98 -11.32 -8.66
N GLY A 385 -25.06 -10.32 -9.53
CA GLY A 385 -24.05 -10.08 -10.55
C GLY A 385 -23.58 -8.63 -10.46
N ILE A 386 -22.71 -8.14 -11.33
CA ILE A 386 -22.21 -6.76 -11.20
C ILE A 386 -22.52 -5.91 -12.43
N PRO A 387 -22.81 -4.62 -12.33
CA PRO A 387 -23.15 -3.81 -13.51
C PRO A 387 -21.96 -3.24 -14.27
N PRO A 388 -21.79 -3.69 -15.51
CA PRO A 388 -20.65 -3.31 -16.35
C PRO A 388 -20.64 -1.83 -16.68
N SER A 389 -21.77 -1.15 -16.51
CA SER A 389 -21.85 0.28 -16.77
C SER A 389 -20.84 1.06 -15.92
N ALA A 390 -20.60 0.56 -14.72
CA ALA A 390 -19.62 1.11 -13.79
C ALA A 390 -18.22 1.24 -14.35
N PHE A 391 -17.90 0.53 -15.43
CA PHE A 391 -16.59 0.45 -16.01
C PHE A 391 -16.50 1.18 -17.35
N TYR A 392 -17.44 2.10 -17.55
CA TYR A 392 -17.40 2.94 -18.75
C TYR A 392 -17.36 4.40 -18.34
N SER A 393 -16.77 5.22 -19.21
CA SER A 393 -16.87 6.67 -19.05
C SER A 393 -18.34 7.07 -19.23
N GLU A 394 -18.82 8.09 -18.54
CA GLU A 394 -20.21 8.51 -18.61
C GLU A 394 -20.80 8.52 -20.03
N PRO A 395 -20.15 9.12 -21.03
CA PRO A 395 -20.73 9.15 -22.37
C PRO A 395 -20.86 7.78 -23.02
N ASN A 396 -20.13 6.77 -22.56
CA ASN A 396 -20.18 5.45 -23.15
C ASN A 396 -20.95 4.45 -22.29
N LYS A 397 -21.48 4.87 -21.16
CA LYS A 397 -22.10 3.93 -20.22
C LYS A 397 -23.23 3.13 -20.85
N HIS A 398 -23.85 3.73 -21.88
CA HIS A 398 -25.00 3.06 -22.48
C HIS A 398 -24.62 1.75 -23.14
N LEU A 399 -23.36 1.62 -23.51
CA LEU A 399 -22.81 0.40 -24.09
C LEU A 399 -22.80 -0.76 -23.09
N GLY A 400 -22.82 -0.48 -21.80
CA GLY A 400 -22.81 -1.57 -20.83
C GLY A 400 -24.17 -1.85 -20.24
N GLU A 401 -25.18 -1.06 -20.60
CA GLU A 401 -26.46 -1.15 -19.90
C GLU A 401 -27.20 -2.44 -20.19
N ASP A 402 -26.98 -3.07 -21.34
CA ASP A 402 -27.62 -4.33 -21.66
C ASP A 402 -26.92 -5.56 -21.07
N PHE A 403 -25.86 -5.35 -20.32
CA PHE A 403 -25.02 -6.46 -19.88
C PHE A 403 -24.93 -6.62 -18.37
N VAL A 404 -24.37 -7.75 -17.95
CA VAL A 404 -24.14 -8.02 -16.53
C VAL A 404 -22.88 -8.87 -16.36
N ARG A 405 -22.12 -8.60 -15.30
CA ARG A 405 -20.92 -9.37 -15.03
C ARG A 405 -21.09 -10.41 -13.93
N TYR A 406 -20.76 -11.67 -14.24
CA TYR A 406 -20.79 -12.75 -13.29
C TYR A 406 -19.38 -13.36 -13.16
N CYS A 407 -19.07 -13.89 -11.99
CA CYS A 407 -17.79 -14.54 -11.75
C CYS A 407 -18.05 -16.03 -11.57
N PHE A 408 -17.32 -16.89 -12.27
CA PHE A 408 -17.63 -18.33 -12.18
C PHE A 408 -16.54 -19.09 -11.43
N PHE A 409 -15.66 -18.37 -10.71
CA PHE A 409 -14.65 -18.99 -9.84
C PHE A 409 -15.33 -19.35 -8.51
N LYS A 410 -16.19 -20.36 -8.57
CA LYS A 410 -17.06 -20.72 -7.47
C LYS A 410 -17.21 -22.24 -7.33
N LYS A 411 -17.42 -22.69 -6.10
CA LYS A 411 -17.76 -24.08 -5.81
C LYS A 411 -18.79 -24.60 -6.80
N ASP A 412 -18.62 -25.81 -7.33
CA ASP A 412 -19.61 -26.41 -8.22
C ASP A 412 -21.01 -26.40 -7.62
N GLU A 413 -21.16 -26.61 -6.31
CA GLU A 413 -22.53 -26.66 -5.77
C GLU A 413 -23.19 -25.28 -5.82
N ASN A 414 -22.42 -24.21 -5.73
CA ASN A 414 -22.97 -22.86 -5.85
C ASN A 414 -23.28 -22.50 -7.29
N LEU A 415 -22.46 -22.99 -8.22
CA LEU A 415 -22.78 -22.76 -9.63
C LEU A 415 -24.10 -23.42 -9.98
N GLN A 416 -24.29 -24.61 -9.43
CA GLN A 416 -25.51 -25.37 -9.68
C GLN A 416 -26.70 -24.71 -8.99
N LYS A 417 -26.50 -24.13 -7.82
CA LYS A 417 -27.60 -23.44 -7.14
C LYS A 417 -28.09 -22.29 -8.03
N ALA A 418 -27.15 -21.57 -8.63
CA ALA A 418 -27.40 -20.47 -9.52
C ALA A 418 -28.21 -20.93 -10.73
N ALA A 419 -27.90 -22.14 -11.18
CA ALA A 419 -28.62 -22.71 -12.32
C ALA A 419 -30.05 -23.08 -11.95
N GLU A 420 -30.27 -23.58 -10.74
CA GLU A 420 -31.61 -24.00 -10.32
C GLU A 420 -32.47 -22.76 -10.07
N ILE A 421 -31.86 -21.72 -9.52
CA ILE A 421 -32.60 -20.48 -9.30
C ILE A 421 -33.04 -19.88 -10.62
N LEU A 422 -32.17 -19.87 -11.63
CA LEU A 422 -32.51 -19.33 -12.94
C LEU A 422 -33.57 -20.20 -13.62
N ARG A 423 -33.44 -21.52 -13.49
CA ARG A 423 -34.44 -22.43 -14.03
C ARG A 423 -35.80 -22.22 -13.38
N LYS A 424 -35.80 -22.22 -12.05
CA LYS A 424 -37.04 -21.98 -11.30
C LYS A 424 -37.59 -20.61 -11.66
N TRP A 425 -36.68 -19.66 -11.90
CA TRP A 425 -37.18 -18.35 -12.31
C TRP A 425 -37.80 -18.45 -13.69
N LYS A 426 -37.06 -19.05 -14.63
CA LYS A 426 -37.49 -19.11 -16.02
C LYS A 426 -38.73 -19.97 -16.24
N GLY A 427 -38.61 -21.23 -15.87
CA GLY A 427 -39.58 -22.28 -16.12
C GLY A 427 -38.96 -23.43 -16.92
N SER A 428 -38.25 -24.30 -16.21
CA SER A 428 -37.58 -25.47 -16.76
C SER A 428 -38.45 -26.20 -17.78
N SER A 429 -38.01 -26.14 -19.04
CA SER A 429 -38.73 -26.82 -20.12
C SER A 429 -37.95 -28.02 -20.61
N LYS B 12 14.45 12.00 -21.71
CA LYS B 12 14.84 13.24 -20.98
C LYS B 12 13.62 14.08 -20.63
N PHE B 13 12.47 13.42 -20.48
CA PHE B 13 11.22 14.11 -20.16
C PHE B 13 11.24 14.60 -18.71
N ASP B 14 10.11 15.15 -18.26
CA ASP B 14 10.02 15.66 -16.89
C ASP B 14 8.74 15.21 -16.18
N LEU B 15 8.86 14.99 -14.87
CA LEU B 15 7.74 14.56 -14.04
C LEU B 15 7.46 15.65 -12.99
N PRO B 16 6.97 16.82 -13.45
CA PRO B 16 6.65 17.97 -12.60
C PRO B 16 5.68 17.71 -11.44
N LYS B 17 5.26 16.46 -11.29
CA LYS B 17 4.34 16.10 -10.21
C LYS B 17 5.01 16.38 -8.87
N ARG B 18 6.20 16.97 -8.95
CA ARG B 18 7.00 17.31 -7.77
C ARG B 18 7.61 16.06 -7.17
N TYR B 19 7.82 15.06 -8.01
CA TYR B 19 8.42 13.81 -7.57
C TYR B 19 9.92 13.90 -7.87
N GLN B 20 10.40 15.15 -7.94
CA GLN B 20 11.79 15.45 -8.22
C GLN B 20 12.77 14.76 -7.27
N GLY B 21 14.05 14.83 -7.62
CA GLY B 21 15.12 14.25 -6.84
C GLY B 21 14.74 13.05 -5.98
N SER B 22 15.26 13.03 -4.76
CA SER B 22 15.00 11.95 -3.82
C SER B 22 15.30 10.59 -4.45
N THR B 23 16.29 10.58 -5.35
CA THR B 23 16.71 9.36 -6.05
C THR B 23 16.50 8.11 -5.22
N LYS B 24 16.87 8.12 -3.95
CA LYS B 24 16.64 7.05 -3.01
C LYS B 24 16.57 7.69 -1.63
N SER B 25 15.54 7.34 -0.87
CA SER B 25 15.47 7.73 0.54
C SER B 25 16.64 7.10 1.29
N VAL B 26 16.92 7.62 2.49
CA VAL B 26 17.94 7.12 3.38
C VAL B 26 17.82 5.61 3.60
N TRP B 27 16.59 5.12 3.61
CA TRP B 27 16.27 3.72 3.85
C TRP B 27 16.67 2.86 2.68
N VAL B 28 16.26 3.24 1.47
CA VAL B 28 16.61 2.50 0.26
C VAL B 28 18.05 2.72 -0.19
N GLU B 29 18.90 3.16 0.72
CA GLU B 29 20.31 3.41 0.67
C GLU B 29 21.05 2.61 1.75
N TYR B 30 20.76 2.94 3.01
CA TYR B 30 21.41 2.27 4.13
C TYR B 30 20.93 0.83 4.25
N ILE B 31 19.69 0.60 3.80
CA ILE B 31 19.19 -0.77 3.83
C ILE B 31 20.01 -1.64 2.89
N GLN B 32 20.62 -0.99 1.89
CA GLN B 32 21.49 -1.70 0.97
C GLN B 32 22.91 -1.83 1.53
N LEU B 33 23.31 -0.86 2.36
CA LEU B 33 24.67 -0.94 2.93
C LEU B 33 24.75 -2.09 3.93
N ALA B 34 23.74 -2.19 4.79
CA ALA B 34 23.69 -3.30 5.74
C ALA B 34 23.62 -4.62 4.98
N ALA B 35 22.70 -4.67 4.02
CA ALA B 35 22.58 -5.82 3.12
C ALA B 35 23.64 -5.70 2.03
N GLN B 36 24.88 -5.72 2.50
CA GLN B 36 26.11 -5.60 1.75
C GLN B 36 27.31 -5.74 2.67
N TYR B 37 27.38 -4.94 3.73
CA TYR B 37 28.54 -5.04 4.62
C TYR B 37 28.20 -5.79 5.92
N LYS B 38 26.95 -6.23 5.97
CA LYS B 38 26.34 -7.01 7.02
C LYS B 38 26.93 -6.74 8.40
N PRO B 39 26.81 -5.50 8.86
CA PRO B 39 27.35 -5.12 10.17
C PRO B 39 26.32 -5.31 11.28
N LEU B 40 26.69 -4.89 12.48
CA LEU B 40 25.74 -4.83 13.59
C LEU B 40 24.69 -3.76 13.29
N ASN B 41 23.50 -4.17 12.93
CA ASN B 41 22.46 -3.28 12.42
C ASN B 41 21.67 -2.58 13.53
N LEU B 42 22.14 -1.40 13.90
CA LEU B 42 21.60 -0.50 14.90
C LEU B 42 20.95 0.71 14.21
N GLY B 43 20.92 0.67 12.88
CA GLY B 43 20.34 1.73 12.09
C GLY B 43 18.82 1.63 12.09
N GLN B 44 18.31 1.03 11.04
CA GLN B 44 16.96 0.58 10.78
C GLN B 44 15.88 1.10 11.72
N GLY B 45 15.51 0.26 12.69
CA GLY B 45 14.38 0.57 13.56
C GLY B 45 13.43 -0.61 13.73
N PHE B 46 13.92 -1.74 14.27
CA PHE B 46 13.08 -2.90 14.53
C PHE B 46 13.75 -3.80 15.58
N PRO B 47 12.99 -4.68 16.21
CA PRO B 47 13.60 -5.65 17.13
C PRO B 47 14.39 -6.76 16.42
N ASP B 48 15.41 -7.21 17.09
CA ASP B 48 16.42 -8.20 16.86
C ASP B 48 15.95 -9.60 17.25
N TYR B 49 14.77 -9.64 17.84
CA TYR B 49 14.24 -10.86 18.44
C TYR B 49 12.73 -10.97 18.26
N HIS B 50 12.19 -12.13 18.65
CA HIS B 50 10.79 -12.43 18.36
C HIS B 50 9.81 -11.51 19.05
N ALA B 51 8.76 -11.11 18.32
CA ALA B 51 7.63 -10.32 18.79
C ALA B 51 6.67 -11.19 19.60
N PRO B 52 5.68 -10.63 20.28
CA PRO B 52 4.71 -11.43 21.04
C PRO B 52 4.20 -12.64 20.28
N LYS B 53 4.18 -13.78 20.98
CA LYS B 53 3.86 -15.06 20.36
C LYS B 53 2.38 -15.12 19.98
N TYR B 54 1.54 -14.50 20.82
CA TYR B 54 0.09 -14.55 20.56
C TYR B 54 -0.23 -13.90 19.22
N ALA B 55 0.63 -12.97 18.81
CA ALA B 55 0.42 -12.23 17.56
C ALA B 55 0.82 -13.07 16.35
N LEU B 56 1.99 -13.68 16.43
CA LEU B 56 2.54 -14.56 15.40
C LEU B 56 1.68 -15.81 15.25
N ASN B 57 1.24 -16.36 16.37
CA ASN B 57 0.28 -17.46 16.38
C ASN B 57 -1.00 -17.11 15.61
N ALA B 58 -1.50 -15.91 15.83
CA ALA B 58 -2.71 -15.41 15.20
C ALA B 58 -2.53 -15.34 13.69
N LEU B 59 -1.34 -15.01 13.21
CA LEU B 59 -1.13 -14.99 11.76
C LEU B 59 -1.09 -16.42 11.22
N ALA B 60 -0.42 -17.34 11.89
CA ALA B 60 -0.46 -18.73 11.45
C ALA B 60 -1.91 -19.22 11.36
N ALA B 61 -2.72 -18.83 12.33
CA ALA B 61 -4.11 -19.25 12.45
C ALA B 61 -4.95 -18.70 11.30
N ALA B 62 -4.63 -17.48 10.87
CA ALA B 62 -5.37 -16.91 9.74
C ALA B 62 -5.01 -17.59 8.43
N ALA B 63 -3.72 -17.86 8.23
CA ALA B 63 -3.31 -18.58 7.03
C ALA B 63 -3.94 -19.98 6.98
N ASN B 64 -4.11 -20.60 8.14
CA ASN B 64 -4.65 -21.94 8.27
C ASN B 64 -6.15 -21.97 8.56
N SER B 65 -6.83 -20.83 8.51
CA SER B 65 -8.26 -20.79 8.77
C SER B 65 -9.12 -21.65 7.86
N PRO B 66 -10.17 -22.26 8.42
CA PRO B 66 -11.05 -23.09 7.58
C PRO B 66 -12.00 -22.22 6.77
N ASP B 67 -11.98 -20.92 7.06
CA ASP B 67 -12.86 -19.98 6.39
C ASP B 67 -12.20 -19.46 5.12
N PRO B 68 -12.76 -19.72 3.95
CA PRO B 68 -12.09 -19.35 2.70
C PRO B 68 -12.03 -17.85 2.48
N LEU B 69 -12.81 -17.06 3.22
CA LEU B 69 -12.76 -15.60 3.08
C LEU B 69 -11.59 -15.00 3.84
N ALA B 70 -10.98 -15.76 4.76
CA ALA B 70 -9.91 -15.23 5.58
C ALA B 70 -8.68 -14.85 4.76
N ASN B 71 -8.60 -15.38 3.54
CA ASN B 71 -7.43 -15.10 2.71
C ASN B 71 -7.81 -14.48 1.37
N GLN B 72 -9.02 -13.95 1.32
CA GLN B 72 -9.49 -13.18 0.16
C GLN B 72 -9.80 -11.76 0.62
N TYR B 73 -10.13 -10.88 -0.29
CA TYR B 73 -10.35 -9.46 -0.20
C TYR B 73 -11.25 -9.16 1.01
N THR B 74 -10.89 -8.18 1.80
CA THR B 74 -11.72 -7.68 2.88
C THR B 74 -12.09 -6.22 2.61
N ARG B 75 -12.91 -5.62 3.47
CA ARG B 75 -13.38 -4.25 3.26
C ARG B 75 -12.24 -3.28 2.98
N GLY B 76 -12.44 -2.44 1.97
CA GLY B 76 -11.44 -1.49 1.56
C GLY B 76 -10.91 -0.62 2.67
N PHE B 77 -11.82 -0.04 3.45
CA PHE B 77 -11.41 0.89 4.51
C PHE B 77 -10.87 0.17 5.73
N GLY B 78 -10.84 -1.15 5.72
CA GLY B 78 -10.32 -1.93 6.83
C GLY B 78 -11.17 -3.12 7.26
N HIS B 79 -10.49 -4.22 7.54
CA HIS B 79 -11.10 -5.44 8.06
C HIS B 79 -12.03 -5.14 9.23
N PRO B 80 -13.28 -5.53 9.12
CA PRO B 80 -14.27 -5.23 10.16
C PRO B 80 -13.81 -5.63 11.56
N ARG B 81 -13.23 -6.82 11.73
CA ARG B 81 -12.74 -7.17 13.07
C ARG B 81 -11.68 -6.23 13.61
N LEU B 82 -10.81 -5.70 12.77
CA LEU B 82 -9.71 -4.82 13.22
C LEU B 82 -10.21 -3.43 13.61
N VAL B 83 -11.08 -2.93 12.76
CA VAL B 83 -11.71 -1.63 12.88
C VAL B 83 -12.50 -1.55 14.17
N GLN B 84 -13.23 -2.59 14.51
CA GLN B 84 -13.99 -2.75 15.73
C GLN B 84 -13.08 -2.73 16.96
N ALA B 85 -12.01 -3.50 16.94
CA ALA B 85 -11.02 -3.54 18.03
C ALA B 85 -10.29 -2.21 18.16
N LEU B 86 -9.90 -1.62 17.03
CA LEU B 86 -9.26 -0.32 17.00
C LEU B 86 -10.17 0.73 17.63
N SER B 87 -11.46 0.67 17.27
CA SER B 87 -12.39 1.64 17.87
C SER B 87 -12.52 1.42 19.36
N LYS B 88 -12.61 0.16 19.78
CA LYS B 88 -12.80 -0.14 21.19
C LYS B 88 -11.65 0.40 22.04
N LEU B 89 -10.43 0.25 21.53
CA LEU B 89 -9.23 0.67 22.23
C LEU B 89 -9.16 2.19 22.31
N TYR B 90 -9.12 2.82 21.14
CA TYR B 90 -8.98 4.26 21.07
C TYR B 90 -10.18 4.98 21.65
N SER B 91 -11.35 4.32 21.68
CA SER B 91 -12.49 5.05 22.26
C SER B 91 -12.24 5.32 23.74
N GLN B 92 -11.67 4.33 24.44
CA GLN B 92 -11.42 4.46 25.86
C GLN B 92 -10.25 5.42 26.12
N LEU B 93 -9.29 5.41 25.20
CA LEU B 93 -8.14 6.31 25.38
C LEU B 93 -8.47 7.75 25.00
N VAL B 94 -9.35 7.96 24.03
CA VAL B 94 -9.62 9.32 23.57
C VAL B 94 -10.83 9.89 24.30
N ASP B 95 -11.41 9.04 25.14
CA ASP B 95 -12.57 9.36 25.95
C ASP B 95 -13.79 9.71 25.10
N ARG B 96 -13.93 9.00 23.99
CA ARG B 96 -15.05 9.27 23.09
C ARG B 96 -15.35 8.02 22.27
N THR B 97 -16.62 7.80 21.95
CA THR B 97 -16.94 6.64 21.11
C THR B 97 -16.53 6.94 19.68
N ILE B 98 -15.53 6.25 19.15
CA ILE B 98 -15.20 6.50 17.75
C ILE B 98 -15.90 5.48 16.86
N ASN B 99 -16.48 5.98 15.77
CA ASN B 99 -17.19 5.09 14.84
C ASN B 99 -16.17 4.27 14.05
N PRO B 100 -16.23 2.97 14.24
CA PRO B 100 -15.29 2.05 13.58
C PRO B 100 -15.43 2.05 12.06
N MET B 101 -16.59 2.44 11.54
CA MET B 101 -16.82 2.37 10.09
C MET B 101 -16.48 3.68 9.39
N THR B 102 -16.61 4.82 10.04
CA THR B 102 -16.36 6.10 9.38
C THR B 102 -15.25 6.94 10.00
N GLU B 103 -14.76 6.64 11.20
CA GLU B 103 -13.77 7.51 11.82
C GLU B 103 -12.47 6.74 12.01
N VAL B 104 -12.36 5.61 11.29
CA VAL B 104 -11.05 4.95 11.34
C VAL B 104 -10.76 4.40 9.95
N LEU B 105 -9.52 4.47 9.52
CA LEU B 105 -9.13 3.91 8.21
C LEU B 105 -7.87 3.05 8.39
N VAL B 106 -7.91 1.84 7.86
CA VAL B 106 -6.71 0.99 7.97
C VAL B 106 -5.87 1.19 6.72
N THR B 107 -4.56 1.22 6.91
CA THR B 107 -3.61 1.52 5.85
C THR B 107 -2.37 0.64 5.89
N VAL B 108 -1.55 0.72 4.85
CA VAL B 108 -0.34 -0.08 4.70
C VAL B 108 0.79 0.61 5.47
N GLY B 109 0.71 0.37 6.78
CA GLY B 109 1.59 0.96 7.76
C GLY B 109 1.11 2.37 8.06
N ALA B 110 1.76 2.99 9.05
CA ALA B 110 1.59 4.42 9.29
C ALA B 110 2.06 5.21 8.07
N TYR B 111 2.93 4.60 7.28
CA TYR B 111 3.45 5.20 6.07
C TYR B 111 2.33 5.57 5.11
N GLU B 112 1.47 4.61 4.74
CA GLU B 112 0.37 4.96 3.84
C GLU B 112 -0.69 5.79 4.54
N ALA B 113 -0.77 5.74 5.87
CA ALA B 113 -1.74 6.59 6.56
C ALA B 113 -1.31 8.04 6.40
N LEU B 114 0.00 8.24 6.62
CA LEU B 114 0.56 9.58 6.45
C LEU B 114 0.37 10.12 5.03
N TYR B 115 0.56 9.23 4.06
CA TYR B 115 0.42 9.54 2.65
C TYR B 115 -1.02 9.92 2.30
N ALA B 116 -1.96 9.10 2.78
CA ALA B 116 -3.37 9.37 2.50
C ALA B 116 -3.81 10.70 3.09
N THR B 117 -3.34 11.00 4.30
CA THR B 117 -3.62 12.25 5.00
C THR B 117 -3.09 13.46 4.25
N ILE B 118 -1.81 13.44 3.87
CA ILE B 118 -1.23 14.59 3.17
C ILE B 118 -1.80 14.78 1.77
N GLN B 119 -1.84 13.71 0.98
CA GLN B 119 -2.45 13.77 -0.34
C GLN B 119 -3.91 14.19 -0.23
N GLY B 120 -4.57 13.80 0.85
CA GLY B 120 -6.00 14.04 0.96
C GLY B 120 -6.34 15.38 1.55
N HIS B 121 -5.36 16.07 2.13
CA HIS B 121 -5.69 17.36 2.73
C HIS B 121 -4.80 18.48 2.27
N VAL B 122 -3.80 18.25 1.41
CA VAL B 122 -3.01 19.42 0.97
C VAL B 122 -2.96 19.53 -0.55
N ASP B 123 -3.49 20.67 -1.02
CA ASP B 123 -3.53 21.02 -2.43
C ASP B 123 -2.42 22.00 -2.77
N GLU B 124 -2.31 22.31 -4.06
CA GLU B 124 -1.29 23.22 -4.56
C GLU B 124 -1.28 24.53 -3.79
N GLY B 125 -0.13 24.86 -3.21
CA GLY B 125 0.05 26.11 -2.51
C GLY B 125 -0.22 26.06 -1.02
N ASP B 126 -0.83 24.96 -0.56
CA ASP B 126 -1.08 24.83 0.87
C ASP B 126 0.22 24.81 1.63
N GLU B 127 0.31 25.54 2.74
CA GLU B 127 1.53 25.46 3.56
C GLU B 127 1.38 24.39 4.64
N VAL B 128 2.48 23.65 4.83
CA VAL B 128 2.52 22.58 5.80
C VAL B 128 3.70 22.76 6.75
N ILE B 129 3.41 22.92 8.05
CA ILE B 129 4.50 23.11 8.99
C ILE B 129 5.03 21.77 9.51
N ILE B 130 6.34 21.64 9.39
CA ILE B 130 7.02 20.40 9.79
C ILE B 130 8.09 20.73 10.82
N ILE B 131 8.13 19.96 11.90
CA ILE B 131 9.17 20.20 12.92
C ILE B 131 10.39 19.33 12.69
N GLU B 132 11.57 19.96 12.72
CA GLU B 132 12.85 19.30 12.53
C GLU B 132 13.48 18.90 13.86
N PRO B 133 14.15 17.76 13.99
CA PRO B 133 14.31 16.78 12.91
C PRO B 133 13.00 16.02 12.70
N PHE B 134 12.70 15.64 11.46
CA PHE B 134 11.42 15.02 11.14
C PHE B 134 11.60 13.65 10.50
N PHE B 135 10.63 12.78 10.72
CA PHE B 135 10.63 11.50 9.99
C PHE B 135 10.67 11.81 8.50
N ASP B 136 11.61 11.21 7.78
CA ASP B 136 12.01 11.74 6.48
C ASP B 136 10.89 11.77 5.44
N CYS B 137 9.87 10.93 5.51
CA CYS B 137 8.87 10.99 4.44
C CYS B 137 7.97 12.22 4.48
N TYR B 138 7.89 12.96 5.58
CA TYR B 138 6.97 14.09 5.67
C TYR B 138 7.20 15.07 4.52
N GLU B 139 8.45 15.45 4.27
CA GLU B 139 8.68 16.51 3.29
C GLU B 139 8.41 16.08 1.86
N PRO B 140 8.93 14.96 1.37
CA PRO B 140 8.57 14.53 0.01
C PRO B 140 7.09 14.29 -0.17
N MET B 141 6.36 13.88 0.87
CA MET B 141 4.93 13.69 0.76
C MET B 141 4.20 15.02 0.53
N VAL B 142 4.57 16.03 1.31
CA VAL B 142 3.91 17.32 1.13
C VAL B 142 4.32 17.94 -0.21
N LYS B 143 5.56 17.68 -0.65
CA LYS B 143 6.00 18.16 -1.96
C LYS B 143 5.20 17.49 -3.08
N ALA B 144 5.07 16.18 -3.02
CA ALA B 144 4.33 15.42 -4.01
C ALA B 144 2.88 15.87 -4.08
N ALA B 145 2.35 16.43 -2.98
CA ALA B 145 0.95 16.85 -2.97
C ALA B 145 0.79 18.27 -3.49
N GLY B 146 1.92 18.93 -3.78
CA GLY B 146 1.93 20.31 -4.21
C GLY B 146 1.99 21.31 -3.07
N GLY B 147 2.15 20.81 -1.85
CA GLY B 147 2.22 21.66 -0.67
C GLY B 147 3.57 22.35 -0.53
N ILE B 148 3.63 23.31 0.37
CA ILE B 148 4.82 24.10 0.65
C ILE B 148 5.23 23.93 2.10
N PRO B 149 6.23 23.08 2.36
CA PRO B 149 6.68 22.81 3.74
C PRO B 149 7.34 24.02 4.39
N ARG B 150 7.07 24.15 5.68
CA ARG B 150 7.67 25.20 6.50
C ARG B 150 8.34 24.53 7.71
N PHE B 151 9.63 24.78 7.91
CA PHE B 151 10.35 24.05 8.94
C PHE B 151 10.79 24.89 10.14
N ILE B 152 10.69 24.31 11.32
CA ILE B 152 11.18 24.81 12.58
C ILE B 152 11.98 23.69 13.26
N PRO B 153 13.21 23.94 13.64
CA PRO B 153 13.94 22.86 14.32
C PRO B 153 13.77 22.90 15.83
N LEU B 154 13.84 21.71 16.42
CA LEU B 154 14.03 21.56 17.85
C LEU B 154 15.51 21.73 18.16
N LYS B 155 15.84 22.41 19.24
CA LYS B 155 17.25 22.60 19.61
C LYS B 155 17.41 22.34 21.10
N PRO B 156 18.52 21.73 21.47
CA PRO B 156 18.76 21.45 22.88
C PRO B 156 19.00 22.74 23.68
N ASN B 157 18.60 22.74 24.94
CA ASN B 157 18.84 23.84 25.86
C ASN B 157 20.30 23.91 26.32
N LYS B 158 21.07 24.80 25.71
CA LYS B 158 22.47 25.05 25.97
C LYS B 158 23.16 23.80 26.51
N THR B 159 22.94 22.68 25.84
CA THR B 159 23.45 21.39 26.25
C THR B 159 24.93 21.18 25.95
N GLY B 160 25.58 20.35 26.78
CA GLY B 160 26.99 20.02 26.69
C GLY B 160 27.32 18.66 27.26
N GLY B 161 26.58 17.62 26.80
CA GLY B 161 26.83 16.26 27.25
C GLY B 161 25.55 15.44 27.25
N THR B 162 25.42 14.50 28.18
CA THR B 162 24.20 13.73 28.36
C THR B 162 23.07 14.62 28.88
N ILE B 163 22.02 14.75 28.07
CA ILE B 163 20.85 15.52 28.43
C ILE B 163 19.58 14.70 28.19
N SER B 164 18.43 15.35 28.28
CA SER B 164 17.17 14.66 28.03
C SER B 164 16.60 15.12 26.70
N SER B 165 15.70 14.33 26.12
CA SER B 165 14.99 14.80 24.93
C SER B 165 14.05 15.95 25.31
N ALA B 166 13.74 16.05 26.61
CA ALA B 166 12.91 17.14 27.09
C ALA B 166 13.59 18.48 26.84
N ASP B 167 14.92 18.56 26.83
CA ASP B 167 15.53 19.87 26.65
C ASP B 167 15.70 20.22 25.18
N TRP B 168 15.24 19.37 24.28
CA TRP B 168 15.20 19.76 22.87
C TRP B 168 13.89 20.49 22.63
N VAL B 169 13.97 21.81 22.43
CA VAL B 169 12.71 22.56 22.35
C VAL B 169 12.66 23.48 21.15
N LEU B 170 11.44 23.90 20.78
CA LEU B 170 11.32 24.86 19.67
C LEU B 170 11.07 26.26 20.25
N ASP B 171 11.41 27.25 19.43
CA ASP B 171 11.15 28.64 19.81
C ASP B 171 9.69 29.00 19.51
N ASN B 172 8.86 29.16 20.53
CA ASN B 172 7.44 29.41 20.36
C ASN B 172 7.13 30.63 19.50
N ASN B 173 7.95 31.67 19.60
CA ASN B 173 7.71 32.86 18.78
C ASN B 173 8.00 32.56 17.32
N GLU B 174 9.01 31.74 17.06
CA GLU B 174 9.32 31.25 15.72
C GLU B 174 8.19 30.38 15.20
N LEU B 175 7.59 29.60 16.09
CA LEU B 175 6.49 28.70 15.70
C LEU B 175 5.29 29.51 15.21
N GLU B 176 4.78 30.39 16.07
CA GLU B 176 3.61 31.19 15.69
C GLU B 176 3.84 32.02 14.44
N ALA B 177 5.09 32.46 14.27
CA ALA B 177 5.44 33.23 13.08
C ALA B 177 5.17 32.43 11.80
N LEU B 178 5.29 31.12 11.90
CA LEU B 178 5.08 30.24 10.74
C LEU B 178 3.61 30.17 10.35
N PHE B 179 2.73 30.38 11.33
CA PHE B 179 1.29 30.28 11.10
C PHE B 179 0.73 31.53 10.41
N ASN B 180 0.06 31.30 9.29
CA ASN B 180 -0.59 32.37 8.53
C ASN B 180 -1.82 31.85 7.82
N GLU B 181 -2.39 32.65 6.91
CA GLU B 181 -3.67 32.20 6.34
C GLU B 181 -3.50 31.18 5.23
N LYS B 182 -2.26 30.83 4.92
CA LYS B 182 -2.02 29.79 3.91
C LYS B 182 -1.74 28.45 4.59
N THR B 183 -1.44 28.52 5.88
CA THR B 183 -1.17 27.29 6.63
C THR B 183 -2.38 26.37 6.63
N LYS B 184 -2.20 25.17 6.08
CA LYS B 184 -3.26 24.18 6.01
C LYS B 184 -3.11 23.09 7.08
N MET B 185 -1.86 22.73 7.38
CA MET B 185 -1.66 21.59 8.29
C MET B 185 -0.34 21.72 9.02
N ILE B 186 -0.26 21.09 10.19
CA ILE B 186 1.00 20.97 10.89
C ILE B 186 1.17 19.49 11.25
N ILE B 187 2.40 19.00 11.18
CA ILE B 187 2.61 17.58 11.51
C ILE B 187 3.37 17.48 12.82
N ILE B 188 2.81 16.83 13.83
CA ILE B 188 3.59 16.61 15.04
C ILE B 188 3.82 15.11 15.20
N ASN B 189 4.98 14.76 15.72
CA ASN B 189 5.32 13.36 15.96
C ASN B 189 5.69 13.13 17.41
N THR B 190 4.82 12.46 18.17
CA THR B 190 5.15 12.24 19.59
C THR B 190 4.67 10.86 20.00
N PRO B 191 5.49 9.98 20.57
CA PRO B 191 6.93 10.11 20.80
C PRO B 191 7.74 10.28 19.51
N HIS B 192 8.70 11.19 19.63
CA HIS B 192 9.42 11.74 18.49
C HIS B 192 10.53 10.84 17.95
N ASN B 193 10.52 10.71 16.63
CA ASN B 193 11.62 10.08 15.91
C ASN B 193 12.43 11.18 15.24
N PRO B 194 13.73 11.30 15.49
CA PRO B 194 14.57 10.38 16.23
C PRO B 194 14.96 10.73 17.67
N LEU B 195 14.49 11.83 18.23
CA LEU B 195 14.86 12.30 19.56
C LEU B 195 14.26 11.51 20.70
N GLY B 196 13.01 11.04 20.57
CA GLY B 196 12.43 10.31 21.70
C GLY B 196 11.62 11.25 22.58
N LYS B 197 11.55 12.50 22.13
CA LYS B 197 10.86 13.57 22.83
C LYS B 197 9.37 13.27 23.00
N VAL B 198 8.87 13.43 24.21
CA VAL B 198 7.45 13.34 24.52
C VAL B 198 6.93 14.75 24.81
N MET B 199 6.04 15.26 23.97
CA MET B 199 5.52 16.61 24.20
C MET B 199 4.67 16.65 25.46
N ASP B 200 5.02 17.55 26.37
CA ASP B 200 4.20 17.72 27.57
C ASP B 200 2.94 18.49 27.22
N ARG B 201 2.03 18.65 28.18
CA ARG B 201 0.75 19.30 27.91
C ARG B 201 0.92 20.72 27.40
N ALA B 202 1.88 21.43 27.99
CA ALA B 202 2.10 22.83 27.67
C ALA B 202 2.55 22.96 26.21
N GLU B 203 3.40 22.04 25.77
CA GLU B 203 3.84 22.07 24.38
C GLU B 203 2.71 21.71 23.42
N LEU B 204 1.81 20.84 23.85
CA LEU B 204 0.65 20.48 23.05
C LEU B 204 -0.36 21.62 22.94
N GLU B 205 -0.54 22.30 24.06
CA GLU B 205 -1.44 23.46 24.08
C GLU B 205 -0.95 24.56 23.16
N VAL B 206 0.36 24.72 23.05
CA VAL B 206 0.93 25.74 22.18
C VAL B 206 0.51 25.45 20.74
N VAL B 207 0.77 24.23 20.24
CA VAL B 207 0.34 24.03 18.84
C VAL B 207 -1.17 23.94 18.76
N ALA B 208 -1.84 23.44 19.79
CA ALA B 208 -3.31 23.39 19.71
C ALA B 208 -3.95 24.76 19.61
N ASN B 209 -3.46 25.73 20.39
CA ASN B 209 -4.00 27.08 20.29
C ASN B 209 -3.78 27.66 18.92
N LEU B 210 -2.60 27.37 18.33
CA LEU B 210 -2.35 27.95 17.00
C LEU B 210 -3.23 27.31 15.94
N CYS B 211 -3.51 26.02 16.08
CA CYS B 211 -4.38 25.34 15.14
C CYS B 211 -5.80 25.88 15.21
N LYS B 212 -6.27 26.15 16.42
CA LYS B 212 -7.62 26.69 16.64
C LYS B 212 -7.71 28.11 16.12
N LYS B 213 -6.67 28.92 16.29
CA LYS B 213 -6.69 30.28 15.80
C LYS B 213 -6.61 30.37 14.28
N TRP B 214 -5.78 29.55 13.66
CA TRP B 214 -5.52 29.65 12.23
C TRP B 214 -6.31 28.63 11.41
N ASN B 215 -7.19 27.88 12.06
CA ASN B 215 -8.00 26.86 11.42
C ASN B 215 -7.15 25.90 10.59
N VAL B 216 -6.13 25.34 11.26
CA VAL B 216 -5.32 24.37 10.54
C VAL B 216 -5.51 22.96 11.09
N LEU B 217 -5.24 22.00 10.22
CA LEU B 217 -5.31 20.58 10.52
C LEU B 217 -4.07 20.10 11.27
N CYS B 218 -4.29 19.50 12.45
CA CYS B 218 -3.14 18.90 13.12
C CYS B 218 -3.07 17.42 12.79
N VAL B 219 -1.92 16.98 12.28
CA VAL B 219 -1.72 15.54 12.04
C VAL B 219 -0.80 14.97 13.11
N SER B 220 -1.27 14.00 13.89
CA SER B 220 -0.40 13.53 14.98
C SER B 220 0.07 12.10 14.73
N ASP B 221 1.37 11.99 14.45
CA ASP B 221 2.02 10.71 14.23
C ASP B 221 2.40 10.12 15.59
N GLU B 222 1.62 9.16 16.07
CA GLU B 222 1.95 8.63 17.39
C GLU B 222 2.17 7.12 17.35
N VAL B 223 2.98 6.65 16.40
CA VAL B 223 3.24 5.22 16.34
C VAL B 223 3.98 4.72 17.58
N TYR B 224 4.68 5.61 18.30
CA TYR B 224 5.43 5.12 19.46
C TYR B 224 4.65 5.38 20.74
N GLU B 225 3.34 5.61 20.61
CA GLU B 225 2.46 5.97 21.71
C GLU B 225 2.56 5.08 22.94
N HIS B 226 2.94 3.81 22.81
CA HIS B 226 2.99 2.93 23.97
C HIS B 226 4.40 2.80 24.55
N MET B 227 5.41 3.45 24.00
CA MET B 227 6.77 3.29 24.52
C MET B 227 7.31 4.49 25.29
N VAL B 228 6.50 5.16 26.10
CA VAL B 228 6.98 6.30 26.88
C VAL B 228 7.52 5.78 28.20
N PHE B 229 8.68 6.28 28.61
CA PHE B 229 9.33 5.80 29.82
C PHE B 229 8.88 6.60 31.03
N GLU B 230 8.74 5.94 32.18
CA GLU B 230 8.48 6.72 33.39
C GLU B 230 9.56 7.76 33.61
N PRO B 231 9.32 8.91 34.22
CA PRO B 231 8.02 9.33 34.74
C PRO B 231 7.11 10.05 33.74
N PHE B 232 7.45 10.09 32.48
CA PHE B 232 6.65 10.71 31.42
C PHE B 232 5.42 9.89 31.06
N GLU B 233 4.55 10.50 30.25
CA GLU B 233 3.33 9.87 29.78
C GLU B 233 2.92 10.44 28.42
N HIS B 234 2.34 9.61 27.57
CA HIS B 234 1.90 10.04 26.24
C HIS B 234 0.57 10.78 26.35
N ILE B 235 0.50 11.99 25.82
CA ILE B 235 -0.75 12.74 25.78
C ILE B 235 -1.16 12.94 24.33
N ARG B 236 -2.38 12.58 24.02
CA ARG B 236 -2.98 12.71 22.70
C ARG B 236 -3.56 14.10 22.51
N ILE B 237 -3.00 14.85 21.56
CA ILE B 237 -3.48 16.20 21.29
C ILE B 237 -4.95 16.19 20.87
N CYS B 238 -5.44 15.07 20.35
CA CYS B 238 -6.84 15.03 19.92
C CYS B 238 -7.82 15.12 21.09
N THR B 239 -7.30 15.01 22.31
CA THR B 239 -8.13 15.10 23.51
C THR B 239 -8.14 16.51 24.09
N LEU B 240 -7.33 17.40 23.54
CA LEU B 240 -7.38 18.79 23.97
C LEU B 240 -8.70 19.43 23.52
N PRO B 241 -9.17 20.40 24.27
CA PRO B 241 -10.48 21.05 24.22
C PRO B 241 -11.24 20.93 22.91
N GLY B 242 -10.82 21.67 21.90
CA GLY B 242 -11.56 21.61 20.64
C GLY B 242 -10.69 21.03 19.54
N MET B 243 -9.87 20.02 19.87
CA MET B 243 -8.94 19.49 18.89
C MET B 243 -9.50 18.30 18.11
N TRP B 244 -10.42 17.53 18.67
CA TRP B 244 -10.92 16.36 17.96
C TRP B 244 -11.45 16.72 16.58
N GLU B 245 -12.12 17.86 16.43
CA GLU B 245 -12.68 18.21 15.13
C GLU B 245 -11.60 18.57 14.12
N ARG B 246 -10.36 18.86 14.56
CA ARG B 246 -9.36 19.27 13.58
C ARG B 246 -8.08 18.45 13.70
N THR B 247 -8.19 17.18 14.12
CA THR B 247 -6.97 16.38 14.28
C THR B 247 -7.12 15.01 13.65
N ILE B 248 -6.02 14.55 13.06
CA ILE B 248 -5.92 13.23 12.48
C ILE B 248 -4.82 12.49 13.23
N THR B 249 -5.10 11.33 13.79
CA THR B 249 -4.10 10.63 14.61
C THR B 249 -3.70 9.32 13.96
N ILE B 250 -2.40 9.05 13.94
CA ILE B 250 -1.91 7.86 13.23
C ILE B 250 -1.22 6.86 14.14
N GLY B 251 -1.44 5.57 13.93
CA GLY B 251 -0.77 4.55 14.72
C GLY B 251 -0.26 3.48 13.77
N SER B 252 0.42 2.47 14.27
CA SER B 252 1.05 1.44 13.47
C SER B 252 1.14 0.11 14.22
N ALA B 253 0.71 -0.96 13.55
CA ALA B 253 0.75 -2.28 14.18
C ALA B 253 2.19 -2.77 14.27
N GLY B 254 3.01 -2.33 13.32
CA GLY B 254 4.42 -2.69 13.33
C GLY B 254 5.09 -2.21 14.58
N LYS B 255 4.66 -1.05 15.09
CA LYS B 255 5.27 -0.51 16.30
C LYS B 255 4.51 -0.96 17.53
N THR B 256 3.18 -1.01 17.44
CA THR B 256 2.39 -1.44 18.59
C THR B 256 2.70 -2.86 19.04
N PHE B 257 2.88 -3.77 18.07
CA PHE B 257 3.15 -5.16 18.37
C PHE B 257 4.55 -5.64 17.99
N SER B 258 5.44 -4.72 17.67
CA SER B 258 6.81 -5.02 17.29
C SER B 258 6.89 -6.00 16.13
N LEU B 259 6.09 -5.75 15.10
CA LEU B 259 6.07 -6.59 13.91
C LEU B 259 6.13 -5.70 12.66
N THR B 260 7.28 -5.08 12.48
CA THR B 260 7.42 -4.04 11.46
C THR B 260 7.16 -4.59 10.06
N GLY B 261 7.32 -5.90 9.89
CA GLY B 261 7.18 -6.59 8.65
C GLY B 261 5.74 -6.75 8.19
N TRP B 262 4.80 -6.45 9.07
CA TRP B 262 3.38 -6.63 8.76
C TRP B 262 2.82 -5.39 8.04
N LYS B 263 3.38 -4.22 8.30
CA LYS B 263 3.01 -3.03 7.53
C LYS B 263 1.52 -2.79 7.47
N ILE B 264 0.93 -2.57 8.65
CA ILE B 264 -0.47 -2.23 8.83
C ILE B 264 -0.54 -1.11 9.87
N GLY B 265 -1.11 0.01 9.46
CA GLY B 265 -1.32 1.14 10.34
C GLY B 265 -2.75 1.64 10.26
N TRP B 266 -3.00 2.79 10.87
CA TRP B 266 -4.35 3.30 10.87
C TRP B 266 -4.37 4.81 11.12
N ALA B 267 -5.44 5.44 10.69
CA ALA B 267 -5.72 6.82 11.00
C ALA B 267 -7.10 6.90 11.66
N TYR B 268 -7.23 7.74 12.67
CA TYR B 268 -8.56 7.89 13.29
C TYR B 268 -8.80 9.39 13.53
N GLY B 269 -10.06 9.79 13.51
CA GLY B 269 -10.43 11.19 13.66
C GLY B 269 -11.85 11.39 13.16
N PRO B 270 -12.31 12.63 13.10
CA PRO B 270 -13.69 12.92 12.68
C PRO B 270 -13.98 12.46 11.26
N GLU B 271 -15.20 11.95 11.08
CA GLU B 271 -15.63 11.46 9.79
C GLU B 271 -15.38 12.48 8.68
N ALA B 272 -15.58 13.76 8.95
CA ALA B 272 -15.42 14.78 7.91
C ALA B 272 -13.99 14.86 7.39
N LEU B 273 -13.00 14.65 8.26
CA LEU B 273 -11.60 14.68 7.87
C LEU B 273 -11.16 13.33 7.29
N LEU B 274 -11.80 12.26 7.73
CA LEU B 274 -11.44 10.90 7.31
C LEU B 274 -11.91 10.58 5.91
N LYS B 275 -12.98 11.22 5.45
CA LYS B 275 -13.45 10.93 4.09
C LYS B 275 -12.38 11.19 3.04
N ASN B 276 -11.61 12.27 3.17
CA ASN B 276 -10.57 12.62 2.21
C ASN B 276 -9.56 11.47 2.13
N LEU B 277 -9.21 10.94 3.30
CA LEU B 277 -8.23 9.87 3.40
C LEU B 277 -8.71 8.61 2.68
N GLN B 278 -9.98 8.30 2.92
CA GLN B 278 -10.63 7.16 2.31
C GLN B 278 -10.51 7.22 0.79
N MET B 279 -10.74 8.40 0.23
CA MET B 279 -10.73 8.57 -1.21
C MET B 279 -9.31 8.41 -1.76
N VAL B 280 -8.29 8.84 -1.01
CA VAL B 280 -6.92 8.68 -1.51
C VAL B 280 -6.54 7.19 -1.48
N HIS B 281 -6.85 6.56 -0.36
CA HIS B 281 -6.54 5.15 -0.14
C HIS B 281 -7.23 4.27 -1.18
N GLN B 282 -8.52 4.52 -1.39
CA GLN B 282 -9.35 3.77 -2.31
C GLN B 282 -8.70 3.72 -3.70
N ASN B 283 -8.02 4.78 -4.09
CA ASN B 283 -7.48 4.87 -5.45
C ASN B 283 -5.96 4.81 -5.46
N CYS B 284 -5.42 4.19 -4.41
CA CYS B 284 -3.97 4.02 -4.30
C CYS B 284 -3.65 2.56 -4.10
N VAL B 285 -4.33 1.91 -3.15
CA VAL B 285 -4.10 0.48 -2.93
C VAL B 285 -5.39 -0.30 -2.73
N TYR B 286 -6.52 0.36 -2.57
CA TYR B 286 -7.87 -0.11 -2.35
C TYR B 286 -8.05 -0.90 -1.04
N THR B 287 -7.24 -1.91 -0.75
CA THR B 287 -7.41 -2.72 0.45
C THR B 287 -6.07 -3.22 0.97
N CYS B 288 -6.07 -3.66 2.23
CA CYS B 288 -4.86 -4.16 2.88
C CYS B 288 -4.99 -5.65 3.18
N ALA B 289 -3.85 -6.31 3.39
CA ALA B 289 -3.85 -7.77 3.54
C ALA B 289 -4.83 -8.25 4.60
N THR B 290 -5.66 -9.21 4.25
CA THR B 290 -6.69 -9.71 5.15
C THR B 290 -6.17 -10.53 6.32
N PRO B 291 -5.34 -11.54 6.13
CA PRO B 291 -4.90 -12.39 7.26
C PRO B 291 -4.04 -11.62 8.25
N ILE B 292 -3.33 -10.60 7.77
CA ILE B 292 -2.54 -9.80 8.71
C ILE B 292 -3.44 -8.93 9.56
N GLN B 293 -4.46 -8.35 8.94
CA GLN B 293 -5.43 -7.54 9.66
C GLN B 293 -6.20 -8.35 10.70
N GLU B 294 -6.53 -9.58 10.34
CA GLU B 294 -7.16 -10.49 11.28
C GLU B 294 -6.25 -10.79 12.46
N ALA B 295 -4.96 -11.02 12.18
CA ALA B 295 -4.04 -11.38 13.27
C ALA B 295 -3.88 -10.22 14.24
N ILE B 296 -3.79 -9.03 13.67
CA ILE B 296 -3.70 -7.82 14.49
C ILE B 296 -4.97 -7.58 15.28
N ALA B 297 -6.12 -7.88 14.70
CA ALA B 297 -7.38 -7.75 15.42
C ALA B 297 -7.37 -8.69 16.62
N VAL B 298 -6.83 -9.89 16.42
CA VAL B 298 -6.78 -10.83 17.55
C VAL B 298 -5.77 -10.35 18.58
N GLY B 299 -4.71 -9.67 18.13
CA GLY B 299 -3.76 -9.10 19.07
C GLY B 299 -4.42 -8.07 19.96
N PHE B 300 -5.17 -7.18 19.33
CA PHE B 300 -5.86 -6.13 20.06
C PHE B 300 -6.88 -6.70 21.04
N GLU B 301 -7.65 -7.70 20.61
CA GLU B 301 -8.64 -8.36 21.45
C GLU B 301 -7.97 -9.04 22.64
N THR B 302 -6.78 -9.59 22.43
CA THR B 302 -6.01 -10.15 23.54
C THR B 302 -5.65 -9.06 24.54
N GLU B 303 -5.10 -7.94 24.08
CA GLU B 303 -4.67 -6.88 24.99
C GLU B 303 -5.83 -6.17 25.67
N LEU B 304 -6.94 -6.02 24.97
CA LEU B 304 -8.14 -5.35 25.46
C LEU B 304 -8.67 -6.00 26.72
N LYS B 305 -8.34 -7.27 26.93
CA LYS B 305 -8.77 -7.93 28.15
C LYS B 305 -7.85 -7.64 29.32
N ARG B 306 -6.59 -7.27 29.09
CA ARG B 306 -5.68 -7.05 30.22
C ARG B 306 -5.02 -5.68 30.16
N LEU B 307 -5.79 -4.67 29.77
CA LEU B 307 -5.27 -3.31 29.59
C LEU B 307 -4.42 -2.79 30.74
N LYS B 308 -4.72 -3.18 31.97
CA LYS B 308 -4.03 -2.59 33.13
C LYS B 308 -3.03 -3.55 33.75
N SER B 309 -2.88 -4.72 33.13
CA SER B 309 -2.00 -5.76 33.68
C SER B 309 -0.56 -5.53 33.26
N PRO B 310 0.40 -5.90 34.10
CA PRO B 310 1.81 -5.67 33.71
C PRO B 310 2.21 -6.62 32.59
N GLU B 311 1.39 -7.63 32.33
CA GLU B 311 1.68 -8.54 31.23
C GLU B 311 1.24 -7.96 29.90
N CYS B 312 0.34 -6.98 29.91
CA CYS B 312 -0.03 -6.25 28.72
C CYS B 312 1.15 -5.66 27.96
N TYR B 313 1.33 -6.07 26.70
CA TYR B 313 2.44 -5.59 25.90
C TYR B 313 2.46 -4.08 25.76
N PHE B 314 1.28 -3.45 25.78
CA PHE B 314 1.23 -1.99 25.74
C PHE B 314 1.91 -1.40 26.98
N ASN B 315 2.02 -2.19 28.04
CA ASN B 315 2.55 -1.69 29.30
C ASN B 315 3.97 -2.14 29.58
N SER B 316 4.27 -3.35 29.07
CA SER B 316 5.55 -3.97 29.37
C SER B 316 6.66 -3.54 28.43
N ILE B 317 6.32 -3.09 27.21
CA ILE B 317 7.35 -2.76 26.25
C ILE B 317 8.27 -1.66 26.74
N SER B 318 7.71 -0.63 27.39
CA SER B 318 8.57 0.45 27.86
C SER B 318 9.47 -0.05 28.97
N GLY B 319 8.97 -0.94 29.84
CA GLY B 319 9.87 -1.41 30.90
C GLY B 319 10.95 -2.32 30.34
N GLU B 320 10.66 -2.96 29.21
CA GLU B 320 11.65 -3.78 28.53
C GLU B 320 12.73 -2.92 27.88
N LEU B 321 12.30 -1.83 27.25
CA LEU B 321 13.19 -0.91 26.56
C LEU B 321 13.99 -0.02 27.51
N MET B 322 13.45 0.24 28.70
CA MET B 322 14.11 1.23 29.57
C MET B 322 15.52 0.80 29.93
N ALA B 323 15.67 -0.46 30.32
CA ALA B 323 16.99 -0.97 30.68
C ALA B 323 17.97 -0.87 29.52
N LYS B 324 17.52 -1.24 28.32
CA LYS B 324 18.34 -1.14 27.12
C LYS B 324 18.70 0.31 26.81
N ARG B 325 17.74 1.21 26.97
CA ARG B 325 18.02 2.63 26.79
C ARG B 325 19.12 3.12 27.73
N ASP B 326 19.06 2.69 28.98
CA ASP B 326 20.02 3.15 30.00
C ASP B 326 21.42 2.64 29.71
N TYR B 327 21.49 1.39 29.24
CA TYR B 327 22.72 0.75 28.86
C TYR B 327 23.40 1.49 27.72
N MET B 328 22.63 1.77 26.69
CA MET B 328 23.21 2.44 25.52
C MET B 328 23.67 3.85 25.84
N ALA B 329 22.91 4.60 26.65
CA ALA B 329 23.30 5.96 27.00
C ALA B 329 24.64 5.94 27.73
N SER B 330 24.82 4.94 28.58
CA SER B 330 26.04 4.76 29.35
C SER B 330 27.22 4.44 28.46
N PHE B 331 27.06 3.47 27.54
CA PHE B 331 28.27 3.12 26.78
C PHE B 331 28.59 4.19 25.73
N LEU B 332 27.59 4.94 25.29
CA LEU B 332 27.89 6.00 24.32
C LEU B 332 28.66 7.13 25.01
N ALA B 333 28.22 7.47 26.21
CA ALA B 333 28.86 8.49 27.05
C ALA B 333 30.25 8.05 27.50
N GLU B 334 30.42 6.75 27.73
CA GLU B 334 31.71 6.21 28.16
C GLU B 334 32.73 6.28 27.02
N VAL B 335 32.27 6.27 25.78
CA VAL B 335 33.16 6.32 24.62
C VAL B 335 33.42 7.75 24.14
N GLY B 336 32.70 8.71 24.73
CA GLY B 336 32.97 10.11 24.46
C GLY B 336 31.78 10.86 23.91
N MET B 337 30.83 10.15 23.30
CA MET B 337 29.67 10.82 22.73
C MET B 337 28.84 11.50 23.81
N ASN B 338 28.01 12.47 23.41
CA ASN B 338 27.04 13.08 24.31
C ASN B 338 25.63 12.72 23.87
N PRO B 339 25.04 11.69 24.47
CA PRO B 339 23.73 11.19 24.05
C PRO B 339 22.57 11.94 24.69
N THR B 340 21.46 11.91 23.93
CA THR B 340 20.22 12.49 24.39
C THR B 340 19.31 11.36 24.86
N VAL B 341 19.04 11.33 26.16
CA VAL B 341 18.21 10.25 26.69
C VAL B 341 16.76 10.48 26.29
N PRO B 342 16.21 9.58 25.48
CA PRO B 342 14.83 9.75 25.03
C PRO B 342 13.83 9.51 26.16
N GLN B 343 12.74 10.27 26.16
CA GLN B 343 11.64 10.06 27.09
C GLN B 343 10.71 8.96 26.58
N GLY B 344 10.87 8.61 25.31
CA GLY B 344 10.09 7.52 24.75
C GLY B 344 10.73 6.95 23.50
N GLY B 345 10.23 5.79 23.06
CA GLY B 345 10.72 5.15 21.86
C GLY B 345 11.98 4.34 22.02
N TYR B 346 12.49 3.88 20.87
CA TYR B 346 13.66 3.02 21.00
C TYR B 346 14.83 3.55 20.16
N PHE B 347 14.86 4.84 19.94
CA PHE B 347 15.92 5.54 19.25
C PHE B 347 16.67 6.48 20.20
N MET B 348 17.96 6.59 19.95
CA MET B 348 18.80 7.50 20.73
C MET B 348 19.72 8.25 19.77
N VAL B 349 19.73 9.57 19.87
CA VAL B 349 20.66 10.39 19.10
C VAL B 349 21.80 10.78 20.03
N ALA B 350 23.01 10.84 19.47
CA ALA B 350 24.14 11.24 20.30
C ALA B 350 25.05 12.15 19.51
N ASP B 351 25.67 13.09 20.21
CA ASP B 351 26.62 14.00 19.60
C ASP B 351 28.00 13.37 19.63
N TRP B 352 28.55 12.98 18.48
CA TRP B 352 29.88 12.37 18.48
C TRP B 352 30.95 13.44 18.33
N SER B 353 32.00 13.32 19.11
CA SER B 353 33.05 14.35 19.20
C SER B 353 34.42 13.78 18.88
N SER B 354 34.67 13.59 17.59
CA SER B 354 35.99 13.16 17.12
C SER B 354 36.67 14.35 16.44
N LEU B 355 35.87 15.16 15.77
CA LEU B 355 36.33 16.38 15.13
C LEU B 355 35.63 17.59 15.74
N ASP B 356 34.67 17.35 16.62
CA ASP B 356 33.86 18.36 17.29
C ASP B 356 34.69 19.50 17.87
N SER B 357 35.92 19.20 18.26
CA SER B 357 36.82 20.20 18.82
C SER B 357 38.28 19.78 18.64
N LYS B 358 38.46 18.75 17.82
CA LYS B 358 39.76 18.19 17.46
C LYS B 358 39.92 18.15 15.94
N VAL B 359 40.99 18.78 15.47
CA VAL B 359 41.28 18.91 14.05
C VAL B 359 41.89 17.63 13.47
N ASP B 360 41.80 16.54 14.23
CA ASP B 360 42.30 15.23 13.83
C ASP B 360 41.52 14.70 12.63
N LEU B 361 40.38 15.30 12.33
CA LEU B 361 39.63 14.92 11.15
C LEU B 361 39.28 16.16 10.32
N THR B 362 39.14 15.92 9.02
CA THR B 362 38.86 16.94 8.01
C THR B 362 38.47 16.30 6.69
N GLN B 363 37.27 16.62 6.19
CA GLN B 363 36.83 16.02 4.93
C GLN B 363 36.60 17.09 3.86
N GLU B 364 37.62 17.28 3.03
CA GLU B 364 37.56 18.19 1.90
C GLU B 364 36.32 17.88 1.05
N THR B 365 36.00 16.58 1.05
CA THR B 365 34.82 16.05 0.40
C THR B 365 33.65 17.02 0.51
N ASP B 366 33.35 17.43 1.74
CA ASP B 366 32.24 18.36 1.94
C ASP B 366 30.92 17.70 1.54
N ALA B 367 30.34 16.90 2.42
CA ALA B 367 29.07 16.24 2.17
C ALA B 367 28.37 15.87 3.48
N ARG B 368 28.27 16.82 4.40
CA ARG B 368 27.65 16.52 5.69
C ARG B 368 28.32 15.32 6.34
N LYS B 369 29.01 15.58 7.45
CA LYS B 369 29.82 14.58 8.13
C LYS B 369 29.03 13.37 8.64
N ASP B 370 27.81 13.55 9.13
CA ASP B 370 27.16 12.42 9.78
C ASP B 370 26.91 11.27 8.82
N TYR B 371 26.91 11.57 7.52
CA TYR B 371 26.69 10.53 6.52
C TYR B 371 27.97 9.70 6.34
N ARG B 372 29.07 10.44 6.42
CA ARG B 372 30.41 9.92 6.21
C ARG B 372 30.92 9.20 7.46
N PHE B 373 30.62 9.79 8.61
CA PHE B 373 31.03 9.15 9.88
C PHE B 373 30.27 7.85 10.01
N THR B 374 28.97 7.92 9.71
CA THR B 374 28.09 6.77 9.90
C THR B 374 28.33 5.69 8.86
N LYS B 375 28.65 6.08 7.63
CA LYS B 375 28.93 5.06 6.62
C LYS B 375 30.24 4.36 6.96
N TRP B 376 31.25 5.16 7.29
CA TRP B 376 32.56 4.62 7.61
C TRP B 376 32.53 3.68 8.81
N MET B 377 31.53 3.80 9.68
CA MET B 377 31.48 2.88 10.82
C MET B 377 31.00 1.51 10.33
N THR B 378 29.89 1.46 9.61
CA THR B 378 29.41 0.14 9.19
C THR B 378 30.45 -0.54 8.30
N LYS B 379 31.17 0.26 7.52
CA LYS B 379 32.14 -0.40 6.63
C LYS B 379 33.45 -0.70 7.35
N SER B 380 33.80 0.08 8.37
CA SER B 380 35.10 -0.07 9.02
C SER B 380 35.06 -0.81 10.35
N VAL B 381 34.04 -0.55 11.15
CA VAL B 381 33.97 -1.13 12.49
C VAL B 381 32.80 -2.11 12.59
N GLY B 382 31.96 -2.16 11.57
CA GLY B 382 30.86 -3.11 11.55
C GLY B 382 29.72 -2.71 12.48
N LEU B 383 29.58 -1.41 12.72
CA LEU B 383 28.52 -0.80 13.51
C LEU B 383 27.71 0.16 12.64
N GLN B 384 26.41 -0.06 12.54
CA GLN B 384 25.54 0.73 11.69
C GLN B 384 25.41 2.17 12.15
N GLY B 385 24.19 2.56 12.53
CA GLY B 385 23.79 3.92 12.84
C GLY B 385 23.33 4.70 11.62
N ILE B 386 22.46 5.71 11.81
CA ILE B 386 22.04 6.52 10.66
C ILE B 386 22.20 8.01 10.91
N PRO B 387 22.50 8.74 9.84
CA PRO B 387 22.80 10.17 9.92
C PRO B 387 21.54 11.01 10.09
N PRO B 388 21.40 11.69 11.23
CA PRO B 388 20.20 12.51 11.47
C PRO B 388 20.05 13.69 10.53
N SER B 389 21.07 14.09 9.79
CA SER B 389 20.87 15.17 8.81
C SER B 389 19.80 14.80 7.78
N ALA B 390 19.58 13.50 7.58
CA ALA B 390 18.53 13.02 6.71
C ALA B 390 17.15 13.44 7.20
N PHE B 391 17.02 13.89 8.43
CA PHE B 391 15.73 14.33 8.96
C PHE B 391 15.62 15.84 9.06
N TYR B 392 16.38 16.57 8.25
CA TYR B 392 16.36 18.02 8.23
C TYR B 392 16.15 18.52 6.79
N SER B 393 15.49 19.65 6.64
CA SER B 393 15.39 20.33 5.35
C SER B 393 16.79 20.76 4.91
N GLU B 394 17.01 20.89 3.61
CA GLU B 394 18.29 21.22 3.02
C GLU B 394 19.02 22.34 3.73
N PRO B 395 18.41 23.48 4.00
CA PRO B 395 19.19 24.55 4.64
C PRO B 395 19.45 24.31 6.13
N ASN B 396 18.77 23.37 6.78
CA ASN B 396 18.98 23.18 8.21
C ASN B 396 19.72 21.90 8.56
N LYS B 397 20.26 21.21 7.57
CA LYS B 397 20.91 19.90 7.66
C LYS B 397 22.12 19.95 8.58
N HIS B 398 22.91 21.00 8.50
CA HIS B 398 24.11 21.22 9.32
C HIS B 398 23.82 21.03 10.82
N LEU B 399 22.59 21.30 11.22
CA LEU B 399 22.04 21.11 12.54
C LEU B 399 22.23 19.67 13.03
N GLY B 400 22.13 18.71 12.12
CA GLY B 400 22.27 17.31 12.48
C GLY B 400 23.62 16.70 12.18
N GLU B 401 24.61 17.49 11.78
CA GLU B 401 25.87 16.92 11.29
C GLU B 401 26.73 16.27 12.35
N ASP B 402 26.63 16.74 13.58
CA ASP B 402 27.44 16.24 14.68
C ASP B 402 26.71 15.14 15.44
N PHE B 403 25.64 14.63 14.83
CA PHE B 403 24.88 13.59 15.52
C PHE B 403 24.81 12.29 14.73
N VAL B 404 24.36 11.28 15.48
CA VAL B 404 24.13 9.95 14.95
C VAL B 404 22.92 9.36 15.68
N ARG B 405 22.08 8.62 14.98
CA ARG B 405 20.95 7.95 15.65
C ARG B 405 21.21 6.46 15.70
N TYR B 406 20.91 5.86 16.85
CA TYR B 406 21.08 4.43 17.07
C TYR B 406 19.77 3.83 17.56
N CYS B 407 19.56 2.54 17.31
CA CYS B 407 18.35 1.86 17.79
C CYS B 407 18.75 0.89 18.91
N PHE B 408 18.08 0.95 20.05
CA PHE B 408 18.48 0.06 21.13
C PHE B 408 17.44 -1.04 21.40
N PHE B 409 16.54 -1.25 20.45
CA PHE B 409 15.57 -2.34 20.50
C PHE B 409 16.21 -3.64 20.02
N LYS B 410 17.22 -4.12 20.76
CA LYS B 410 17.95 -5.32 20.39
C LYS B 410 18.22 -6.23 21.59
N LYS B 411 18.49 -7.50 21.29
CA LYS B 411 18.91 -8.45 22.32
C LYS B 411 20.03 -7.85 23.16
N ASP B 412 20.04 -8.11 24.46
CA ASP B 412 21.14 -7.63 25.30
C ASP B 412 22.50 -8.03 24.76
N GLU B 413 22.65 -9.27 24.28
CA GLU B 413 23.95 -9.71 23.80
C GLU B 413 24.44 -8.85 22.64
N ASN B 414 23.54 -8.35 21.80
CA ASN B 414 23.95 -7.50 20.66
C ASN B 414 24.27 -6.10 21.15
N LEU B 415 23.55 -5.62 22.15
CA LEU B 415 23.85 -4.35 22.81
C LEU B 415 25.25 -4.38 23.41
N GLN B 416 25.62 -5.49 24.05
CA GLN B 416 26.98 -5.59 24.57
C GLN B 416 28.00 -5.64 23.43
N LYS B 417 27.60 -6.26 22.33
CA LYS B 417 28.43 -6.30 21.12
C LYS B 417 28.75 -4.90 20.62
N ALA B 418 27.73 -4.03 20.56
CA ALA B 418 27.95 -2.64 20.19
C ALA B 418 28.90 -1.95 21.16
N ALA B 419 28.64 -2.06 22.47
CA ALA B 419 29.54 -1.44 23.44
C ALA B 419 30.96 -2.00 23.34
N GLU B 420 31.15 -3.27 23.01
CA GLU B 420 32.50 -3.80 22.85
C GLU B 420 33.19 -3.28 21.59
N ILE B 421 32.48 -3.23 20.47
CA ILE B 421 33.17 -2.75 19.27
C ILE B 421 33.44 -1.25 19.37
N LEU B 422 32.80 -0.59 20.32
CA LEU B 422 33.00 0.83 20.56
C LEU B 422 34.18 1.06 21.51
N ARG B 423 34.26 0.24 22.56
CA ARG B 423 35.36 0.35 23.49
C ARG B 423 36.70 0.05 22.81
N LYS B 424 36.75 -0.99 21.98
CA LYS B 424 37.94 -1.38 21.25
C LYS B 424 38.31 -0.31 20.21
N TRP B 425 37.26 0.24 19.59
CA TRP B 425 37.42 1.25 18.55
C TRP B 425 38.12 2.49 19.08
N LYS B 426 37.77 2.88 20.30
CA LYS B 426 38.34 4.05 20.94
C LYS B 426 39.58 3.70 21.74
N GLY B 427 39.50 2.62 22.52
CA GLY B 427 40.63 2.21 23.34
C GLY B 427 40.32 2.33 24.82
N SER B 428 39.67 1.30 25.37
CA SER B 428 39.31 1.27 26.78
C SER B 428 40.53 1.46 27.69
N SER B 429 41.48 0.53 27.61
CA SER B 429 42.68 0.57 28.42
C SER B 429 42.41 0.30 29.90
BR BR C . -8.01 -24.71 -20.82
BR BR D . -0.84 -28.38 -2.45
BR BR E . -1.12 -19.08 -22.19
N1 PMP F . -5.92 -5.20 -12.57
C2 PMP F . -7.01 -5.98 -12.87
C2A PMP F . -7.37 -5.97 -14.37
C3 PMP F . -7.65 -6.66 -11.85
O3 PMP F . -8.73 -7.43 -12.18
C4 PMP F . -7.25 -6.61 -10.51
C4A PMP F . -7.96 -7.36 -9.35
N4A PMP F . -8.98 -8.15 -9.35
C5 PMP F . -6.14 -5.82 -10.21
C6 PMP F . -5.53 -5.14 -11.26
C5A PMP F . -5.55 -5.61 -8.82
O4P PMP F . -4.80 -6.69 -8.29
P PMP F . -4.42 -6.70 -6.77
O1P PMP F . -3.22 -7.56 -6.79
O2P PMP F . -5.61 -7.29 -6.09
O3P PMP F . -4.19 -5.33 -6.30
BR BR G . 9.29 2.54 31.99
BR BR H . -13.81 19.09 18.83
N1 PMP I . 6.22 7.48 11.47
C2 PMP I . 7.39 7.39 12.18
C2A PMP I . 7.75 8.55 13.10
C3 PMP I . 8.17 6.25 12.01
O3 PMP I . 9.31 6.23 12.75
C4 PMP I . 7.85 5.20 11.17
C4A PMP I . 8.68 3.92 10.95
N4A PMP I . 9.79 3.47 11.42
C5 PMP I . 6.65 5.30 10.44
C6 PMP I . 5.89 6.44 10.63
C5A PMP I . 6.18 4.22 9.48
O4P PMP I . 5.38 3.21 10.04
P PMP I . 4.99 1.92 9.23
O1P PMP I . 3.91 1.36 10.09
O2P PMP I . 6.22 1.08 9.21
O3P PMP I . 4.53 2.29 7.89
#